data_3S1S
#
_entry.id   3S1S
#
_cell.length_a   213.472
_cell.length_b   215.732
_cell.length_c   73.710
_cell.angle_alpha   90.00
_cell.angle_beta   90.00
_cell.angle_gamma   90.00
#
_symmetry.space_group_name_H-M   'C 2 2 21'
#
loop_
_entity.id
_entity.type
_entity.pdbx_description
1 polymer 'restriction endonuclease BpuSI'
2 non-polymer S-ADENOSYL-L-HOMOCYSTEINE
3 non-polymer 1,2-ETHANEDIOL
4 non-polymer 'MANGANESE (II) ION'
5 non-polymer 'IODIDE ION'
6 water water
#
_entity_poly.entity_id   1
_entity_poly.type   'polypeptide(L)'
_entity_poly.pdbx_seq_one_letter_code
;(MSE)GGKGLNNCVFSYLPSYGDDEVSVYHPICEAALNQALVNTGLDSTYEVVHHELVGSIEADFVIKNKQTKKYLLIVE
VKRTKSQVSSTRYRLQAQSYVREANIKVEQHYYCLTNLEIIDFFKHDPNKPVVSQQIIEPSPIVVGNFSDTVSEFYNRLV
EAFQNIIDISVNDAGTYKSSTANLVDILENRKDNSTSWHQALVVAGYEYIRGVLRGQNVEVPTRDAIYFKSRPGRLLEEG
RKIDFNVLFSEPEPNTNDNDIWNVNLLSSLNDLGRRILTGDELAELIHDIATRGRGHEGVVPTDIELGKVLSIISQHILG
RPLTEDEVISDPAAGSGNLLATVSAGFNNV(MSE)PRQIWANDIETLFLELLSIRLGLLFPQLVSSNNAPTITGEDVCSL
NPEDFANVSVVV(MSE)NPPYVSGVTDPAIKRKFAHKIIQLTGNRPQTLFGQIGVEALFLELVTELVQDGTVISAI
(MSE)PKQYLTAQGNESKAFREFLVGNFGLEHIFLYPREGLFEEVIKDTVVFVGRKGSSVEEIEVLDSFTPLEQVDLHNL
KRALSNSSNEQIIQP(MSE)G(MSE)ELRKEKREELENRVTVGWRHITSNGRVAEEWITNNLESHCIRLVASDYDLRRGR
VGNKGASDLLFINSKKKLWDLLDESVPRDWLYPALRKVNEINTPIFNEDATPVRFLCPPNSAYQDGTGESIILDKILDVY
VDFQVYKSKQKKFEKSKEELKEILYKESDFYSSEHTVFIPRALRRSARAFINEQKVFCSTNALEVFGGNSEE(MSE)WLL
LSWLSSVFAQLQFEA(MSE)AKDQEGERKLEKKSIQNLYIPNLGDIDDVLKQDLIEEVREIHFFDLCRPRVRKLDLLWAK
VFWSGNE(MSE)SKTKEAAELLEDLVFERYPEGSQIGE
;
_entity_poly.pdbx_strand_id   A
#
loop_
_chem_comp.id
_chem_comp.type
_chem_comp.name
_chem_comp.formula
EDO non-polymer 1,2-ETHANEDIOL 'C2 H6 O2'
IOD non-polymer 'IODIDE ION' 'I -1'
MN non-polymer 'MANGANESE (II) ION' 'Mn 2'
SAH non-polymer S-ADENOSYL-L-HOMOCYSTEINE 'C14 H20 N6 O5 S'
#
# COMPACT_ATOMS: atom_id res chain seq x y z
N LEU A 6 -41.02 11.73 10.50
CA LEU A 6 -40.94 13.05 9.81
C LEU A 6 -39.51 13.33 9.34
N ASN A 7 -38.59 12.39 9.63
CA ASN A 7 -37.13 12.58 9.41
C ASN A 7 -36.72 13.83 10.18
N ASN A 8 -36.64 13.66 11.49
CA ASN A 8 -36.20 14.76 12.35
C ASN A 8 -34.69 14.67 12.37
N CYS A 9 -34.05 15.75 11.88
CA CYS A 9 -32.60 15.87 11.79
CA CYS A 9 -32.59 15.80 11.84
C CYS A 9 -32.00 16.47 13.08
N VAL A 10 -30.97 15.84 13.64
CA VAL A 10 -30.31 16.36 14.85
C VAL A 10 -29.06 17.18 14.50
N PHE A 11 -28.84 17.42 13.20
CA PHE A 11 -27.62 18.07 12.74
C PHE A 11 -27.82 19.56 12.48
N SER A 12 -26.84 20.37 12.87
CA SER A 12 -26.90 21.81 12.66
C SER A 12 -26.23 22.20 11.34
N TYR A 13 -25.30 21.38 10.88
CA TYR A 13 -24.51 21.73 9.70
C TYR A 13 -24.34 20.56 8.78
N LEU A 14 -24.16 20.88 7.51
CA LEU A 14 -23.67 19.92 6.53
C LEU A 14 -22.16 20.01 6.47
N PRO A 15 -21.49 18.93 6.01
CA PRO A 15 -20.03 18.93 6.07
C PRO A 15 -19.43 19.93 5.10
N SER A 16 -18.16 20.26 5.33
CA SER A 16 -17.28 20.84 4.31
C SER A 16 -16.42 19.71 3.80
N TYR A 17 -16.03 19.81 2.54
CA TYR A 17 -15.13 18.86 1.90
C TYR A 17 -13.89 18.57 2.75
N GLY A 18 -13.38 19.58 3.44
CA GLY A 18 -12.21 19.40 4.30
C GLY A 18 -12.43 18.81 5.69
N ASP A 19 -13.67 18.54 6.08
CA ASP A 19 -13.96 17.93 7.37
C ASP A 19 -13.50 16.48 7.45
N ASP A 20 -13.02 16.08 8.62
CA ASP A 20 -12.72 14.68 8.94
C ASP A 20 -13.91 13.78 8.60
N GLU A 21 -13.71 12.86 7.66
CA GLU A 21 -14.79 11.99 7.21
C GLU A 21 -15.50 11.21 8.32
N VAL A 22 -14.74 10.55 9.19
CA VAL A 22 -15.33 9.71 10.21
C VAL A 22 -16.15 10.52 11.23
N SER A 23 -15.60 11.66 11.66
CA SER A 23 -16.23 12.54 12.63
C SER A 23 -17.44 13.31 12.13
N VAL A 24 -17.43 13.66 10.85
CA VAL A 24 -18.42 14.60 10.33
C VAL A 24 -19.41 13.97 9.33
N TYR A 25 -18.92 13.20 8.38
CA TYR A 25 -19.80 12.60 7.37
C TYR A 25 -20.52 11.39 7.94
N HIS A 26 -19.78 10.47 8.55
CA HIS A 26 -20.34 9.19 9.03
C HIS A 26 -21.58 9.33 9.93
N PRO A 27 -21.59 10.24 10.92
CA PRO A 27 -22.81 10.37 11.71
C PRO A 27 -24.05 10.77 10.90
N ILE A 28 -23.86 11.58 9.87
CA ILE A 28 -24.99 11.99 9.04
C ILE A 28 -25.51 10.80 8.21
N CYS A 29 -24.59 10.09 7.58
CA CYS A 29 -24.89 8.91 6.79
C CYS A 29 -25.53 7.82 7.65
N GLU A 30 -25.00 7.59 8.84
CA GLU A 30 -25.56 6.60 9.76
C GLU A 30 -27.00 6.89 10.24
N ALA A 31 -27.27 8.15 10.57
CA ALA A 31 -28.60 8.57 10.98
C ALA A 31 -29.60 8.39 9.82
N ALA A 32 -29.10 8.58 8.60
CA ALA A 32 -29.95 8.54 7.42
C ALA A 32 -30.29 7.11 7.05
N LEU A 33 -29.31 6.21 7.13
CA LEU A 33 -29.53 4.80 6.87
C LEU A 33 -30.52 4.21 7.86
N ASN A 34 -30.31 4.52 9.13
CA ASN A 34 -31.24 4.08 10.15
C ASN A 34 -32.66 4.58 9.93
N GLN A 35 -32.81 5.87 9.63
CA GLN A 35 -34.13 6.44 9.36
C GLN A 35 -34.82 5.76 8.18
N ALA A 36 -34.04 5.41 7.15
CA ALA A 36 -34.55 4.77 5.97
C ALA A 36 -35.11 3.38 6.29
N LEU A 37 -34.44 2.66 7.19
CA LEU A 37 -34.95 1.38 7.66
C LEU A 37 -36.23 1.54 8.45
N VAL A 38 -36.31 2.57 9.28
CA VAL A 38 -37.53 2.82 10.07
C VAL A 38 -38.68 3.19 9.15
N ASN A 39 -38.48 4.18 8.27
CA ASN A 39 -39.52 4.57 7.31
C ASN A 39 -40.16 3.39 6.56
N THR A 40 -39.34 2.41 6.17
CA THR A 40 -39.86 1.26 5.43
C THR A 40 -40.23 0.08 6.32
N GLY A 41 -40.02 0.24 7.62
CA GLY A 41 -40.23 -0.86 8.55
C GLY A 41 -39.28 -2.04 8.36
N LEU A 42 -38.16 -1.84 7.67
CA LEU A 42 -37.16 -2.92 7.51
C LEU A 42 -36.19 -3.07 8.69
N ASP A 43 -36.21 -2.11 9.62
CA ASP A 43 -35.46 -2.18 10.89
C ASP A 43 -35.76 -3.40 11.79
N SER A 44 -36.85 -4.10 11.51
CA SER A 44 -37.16 -5.34 12.23
C SER A 44 -36.30 -6.48 11.73
N THR A 45 -35.87 -6.36 10.48
CA THR A 45 -35.12 -7.41 9.80
C THR A 45 -33.64 -7.03 9.69
N TYR A 46 -33.38 -5.76 9.40
CA TYR A 46 -32.03 -5.31 9.10
C TYR A 46 -31.50 -4.31 10.13
N GLU A 47 -30.18 -4.37 10.37
CA GLU A 47 -29.47 -3.38 11.19
C GLU A 47 -28.41 -2.62 10.38
N VAL A 48 -28.14 -1.37 10.77
CA VAL A 48 -27.00 -0.60 10.26
C VAL A 48 -25.77 -0.84 11.14
N VAL A 49 -24.69 -1.32 10.54
CA VAL A 49 -23.44 -1.47 11.26
C VAL A 49 -22.37 -0.56 10.65
N HIS A 50 -21.77 0.25 11.52
CA HIS A 50 -20.70 1.18 11.19
C HIS A 50 -19.39 0.41 11.35
N HIS A 51 -18.44 0.62 10.45
CA HIS A 51 -17.12 -0.01 10.54
C HIS A 51 -17.16 -1.53 10.72
N GLU A 52 -17.77 -2.21 9.76
CA GLU A 52 -17.92 -3.67 9.78
C GLU A 52 -16.67 -4.32 9.20
N LEU A 53 -16.06 -5.21 9.99
CA LEU A 53 -14.89 -5.92 9.53
C LEU A 53 -15.33 -6.98 8.54
N VAL A 54 -14.72 -6.97 7.36
CA VAL A 54 -15.07 -7.90 6.30
C VAL A 54 -13.76 -8.49 5.78
N GLY A 55 -13.49 -9.76 6.08
CA GLY A 55 -12.18 -10.32 5.81
C GLY A 55 -11.12 -9.37 6.37
N SER A 56 -10.11 -9.04 5.57
CA SER A 56 -9.03 -8.13 5.98
C SER A 56 -9.32 -6.63 5.89
N ILE A 57 -10.57 -6.26 5.59
CA ILE A 57 -10.90 -4.85 5.36
C ILE A 57 -12.12 -4.40 6.16
N GLU A 58 -12.31 -3.10 6.26
CA GLU A 58 -13.36 -2.54 7.08
C GLU A 58 -14.27 -1.67 6.20
N ALA A 59 -15.56 -1.96 6.25
CA ALA A 59 -16.52 -1.24 5.42
C ALA A 59 -17.04 -0.08 6.25
N ASP A 60 -17.27 1.06 5.61
CA ASP A 60 -17.87 2.18 6.30
C ASP A 60 -19.23 1.79 6.91
N PHE A 61 -20.15 1.32 6.07
CA PHE A 61 -21.46 0.84 6.52
C PHE A 61 -21.92 -0.42 5.79
N VAL A 62 -22.55 -1.32 6.52
CA VAL A 62 -23.24 -2.44 5.92
C VAL A 62 -24.67 -2.41 6.40
N ILE A 63 -25.59 -2.80 5.54
CA ILE A 63 -26.95 -3.14 5.96
C ILE A 63 -26.95 -4.65 6.10
N LYS A 64 -27.23 -5.11 7.32
CA LYS A 64 -26.98 -6.49 7.73
C LYS A 64 -28.26 -7.14 8.27
N ASN A 65 -28.46 -8.39 7.87
CA ASN A 65 -29.60 -9.15 8.28
C ASN A 65 -29.43 -9.63 9.73
N LYS A 66 -30.38 -9.26 10.59
CA LYS A 66 -30.30 -9.52 12.02
C LYS A 66 -30.22 -11.00 12.34
N GLN A 67 -31.07 -11.78 11.67
CA GLN A 67 -31.13 -13.22 11.95
CA GLN A 67 -31.18 -13.22 11.89
C GLN A 67 -30.03 -14.00 11.24
N THR A 68 -29.73 -13.69 9.98
CA THR A 68 -28.72 -14.47 9.23
C THR A 68 -27.28 -13.93 9.23
N LYS A 69 -27.13 -12.64 9.57
CA LYS A 69 -25.82 -11.97 9.59
C LYS A 69 -25.24 -11.77 8.19
N LYS A 70 -26.11 -11.82 7.18
CA LYS A 70 -25.69 -11.63 5.80
C LYS A 70 -25.86 -10.19 5.32
N TYR A 71 -25.09 -9.81 4.31
CA TYR A 71 -25.05 -8.42 3.85
C TYR A 71 -26.02 -8.14 2.71
N LEU A 72 -26.93 -7.21 2.96
CA LEU A 72 -27.83 -6.68 1.94
C LEU A 72 -27.14 -5.63 1.05
N LEU A 73 -26.38 -4.73 1.67
CA LEU A 73 -25.84 -3.56 1.03
C LEU A 73 -24.56 -3.11 1.74
N ILE A 74 -23.52 -2.85 0.95
CA ILE A 74 -22.30 -2.20 1.44
C ILE A 74 -22.31 -0.72 1.04
N VAL A 75 -22.08 0.17 2.00
CA VAL A 75 -21.98 1.62 1.72
C VAL A 75 -20.59 2.16 2.07
N GLU A 76 -19.89 2.67 1.07
CA GLU A 76 -18.61 3.34 1.28
C GLU A 76 -18.78 4.86 1.12
N VAL A 77 -18.25 5.60 2.10
CA VAL A 77 -18.35 7.06 2.13
C VAL A 77 -17.03 7.73 1.71
N LYS A 78 -17.15 8.73 0.86
CA LYS A 78 -16.04 9.56 0.45
C LYS A 78 -16.44 10.99 0.73
N ARG A 79 -15.49 11.92 0.61
CA ARG A 79 -15.72 13.33 0.88
C ARG A 79 -16.16 14.14 -0.35
N THR A 80 -15.50 13.91 -1.48
CA THR A 80 -15.74 14.73 -2.66
C THR A 80 -16.48 14.02 -3.78
N LYS A 81 -17.16 14.79 -4.63
CA LYS A 81 -17.83 14.27 -5.81
C LYS A 81 -16.84 13.58 -6.77
N SER A 82 -15.63 14.12 -6.89
CA SER A 82 -14.65 13.52 -7.79
C SER A 82 -14.25 12.11 -7.35
N GLN A 83 -14.25 11.89 -6.04
CA GLN A 83 -13.99 10.57 -5.46
C GLN A 83 -15.09 9.56 -5.79
N VAL A 84 -16.33 10.04 -5.81
CA VAL A 84 -17.49 9.18 -6.11
C VAL A 84 -17.49 8.74 -7.57
N SER A 85 -16.93 9.58 -8.43
CA SER A 85 -16.82 9.33 -9.86
C SER A 85 -15.64 8.41 -10.17
N SER A 86 -14.74 8.25 -9.22
CA SER A 86 -13.46 7.62 -9.48
C SER A 86 -13.53 6.10 -9.53
N THR A 87 -12.99 5.54 -10.60
CA THR A 87 -12.94 4.11 -10.81
C THR A 87 -12.21 3.40 -9.67
N ARG A 88 -11.10 3.98 -9.21
CA ARG A 88 -10.37 3.42 -8.08
C ARG A 88 -11.26 3.19 -6.86
N TYR A 89 -12.01 4.19 -6.47
CA TYR A 89 -12.85 4.07 -5.28
C TYR A 89 -14.08 3.22 -5.52
N ARG A 90 -14.46 3.09 -6.78
CA ARG A 90 -15.56 2.21 -7.12
C ARG A 90 -15.14 0.75 -6.99
N LEU A 91 -13.89 0.47 -7.37
CA LEU A 91 -13.25 -0.83 -7.18
C LEU A 91 -13.00 -1.18 -5.72
N GLN A 92 -12.68 -0.16 -4.94
CA GLN A 92 -12.55 -0.34 -3.49
CA GLN A 92 -12.55 -0.30 -3.48
C GLN A 92 -13.90 -0.72 -2.87
N ALA A 93 -14.97 -0.01 -3.23
CA ALA A 93 -16.29 -0.39 -2.72
C ALA A 93 -16.70 -1.80 -3.23
N GLN A 94 -16.46 -2.10 -4.50
CA GLN A 94 -16.77 -3.41 -5.06
C GLN A 94 -16.05 -4.52 -4.29
N SER A 95 -14.83 -4.22 -3.85
CA SER A 95 -13.97 -5.17 -3.16
C SER A 95 -14.61 -5.74 -1.92
N TYR A 96 -15.40 -4.93 -1.22
CA TYR A 96 -16.09 -5.42 -0.03
C TYR A 96 -17.04 -6.56 -0.34
N VAL A 97 -17.74 -6.45 -1.47
CA VAL A 97 -18.65 -7.51 -1.92
C VAL A 97 -17.86 -8.75 -2.29
N ARG A 98 -16.73 -8.57 -2.97
CA ARG A 98 -15.88 -9.72 -3.31
C ARG A 98 -15.27 -10.39 -2.07
N GLU A 99 -14.94 -9.60 -1.05
CA GLU A 99 -14.39 -10.12 0.17
C GLU A 99 -15.45 -10.76 1.07
N ALA A 100 -16.67 -10.24 1.03
CA ALA A 100 -17.78 -10.84 1.79
C ALA A 100 -18.26 -12.19 1.22
N ASN A 101 -18.26 -12.29 -0.12
CA ASN A 101 -18.80 -13.43 -0.89
C ASN A 101 -19.98 -14.19 -0.27
N ILE A 102 -19.71 -15.38 0.26
CA ILE A 102 -20.76 -16.25 0.82
C ILE A 102 -21.55 -15.63 1.99
N LYS A 103 -21.04 -14.52 2.52
CA LYS A 103 -21.68 -13.80 3.59
C LYS A 103 -22.68 -12.75 3.06
N VAL A 104 -22.84 -12.74 1.74
CA VAL A 104 -23.68 -11.77 1.02
C VAL A 104 -25.13 -12.26 0.84
N GLU A 105 -26.11 -11.41 1.14
CA GLU A 105 -27.51 -11.66 0.80
C GLU A 105 -27.77 -11.22 -0.65
N GLN A 106 -27.41 -9.98 -0.94
CA GLN A 106 -27.47 -9.40 -2.27
C GLN A 106 -26.15 -8.74 -2.60
N HIS A 107 -25.86 -8.63 -3.88
CA HIS A 107 -24.55 -8.19 -4.34
C HIS A 107 -24.46 -6.67 -4.59
N TYR A 108 -25.31 -5.90 -3.91
CA TYR A 108 -25.40 -4.45 -4.09
C TYR A 108 -24.40 -3.66 -3.24
N TYR A 109 -23.79 -2.66 -3.86
CA TYR A 109 -22.90 -1.78 -3.14
C TYR A 109 -23.05 -0.32 -3.58
N CYS A 110 -22.55 0.56 -2.74
CA CYS A 110 -22.87 1.97 -2.86
C CYS A 110 -21.63 2.81 -2.53
N LEU A 111 -21.44 3.89 -3.29
CA LEU A 111 -20.36 4.85 -3.07
C LEU A 111 -20.98 6.24 -3.05
N THR A 112 -20.65 7.02 -2.02
CA THR A 112 -21.33 8.28 -1.74
C THR A 112 -20.45 9.29 -0.99
N ASN A 113 -20.61 10.56 -1.34
CA ASN A 113 -20.17 11.65 -0.48
C ASN A 113 -21.41 12.39 0.10
N LEU A 114 -22.53 11.70 0.20
CA LEU A 114 -23.80 12.32 0.64
C LEU A 114 -24.44 13.25 -0.37
N GLU A 115 -23.68 14.11 -1.02
CA GLU A 115 -24.20 14.94 -2.10
C GLU A 115 -24.64 14.07 -3.27
N ILE A 116 -23.85 13.05 -3.58
CA ILE A 116 -24.11 12.18 -4.71
C ILE A 116 -24.08 10.73 -4.21
N ILE A 117 -25.02 9.92 -4.68
CA ILE A 117 -25.01 8.48 -4.42
C ILE A 117 -24.92 7.73 -5.74
N ASP A 118 -23.91 6.87 -5.83
CA ASP A 118 -23.80 5.92 -6.91
C ASP A 118 -24.08 4.54 -6.36
N PHE A 119 -24.86 3.78 -7.11
CA PHE A 119 -25.47 2.53 -6.69
C PHE A 119 -25.13 1.47 -7.72
N PHE A 120 -24.59 0.35 -7.25
CA PHE A 120 -24.01 -0.70 -8.10
C PHE A 120 -24.45 -2.09 -7.68
N LYS A 121 -24.31 -3.03 -8.61
CA LYS A 121 -24.50 -4.45 -8.31
C LYS A 121 -23.31 -5.26 -8.84
N HIS A 122 -22.57 -5.87 -7.92
CA HIS A 122 -21.42 -6.68 -8.31
C HIS A 122 -21.87 -7.95 -8.99
N ASP A 123 -21.34 -8.16 -10.19
CA ASP A 123 -21.55 -9.39 -10.94
C ASP A 123 -20.18 -9.90 -11.33
N PRO A 124 -19.79 -11.07 -10.78
CA PRO A 124 -18.44 -11.64 -10.98
C PRO A 124 -18.18 -11.91 -12.45
N ASN A 125 -19.24 -12.24 -13.19
CA ASN A 125 -19.09 -12.53 -14.62
C ASN A 125 -18.99 -11.27 -15.49
N LYS A 126 -19.07 -10.10 -14.89
CA LYS A 126 -18.93 -8.83 -15.61
C LYS A 126 -18.33 -7.78 -14.67
N PRO A 127 -17.03 -7.90 -14.35
CA PRO A 127 -16.42 -7.15 -13.22
C PRO A 127 -16.07 -5.67 -13.46
N VAL A 128 -16.25 -5.17 -14.69
CA VAL A 128 -15.84 -3.79 -15.00
C VAL A 128 -16.81 -2.74 -14.41
N VAL A 129 -16.30 -1.95 -13.46
CA VAL A 129 -17.12 -1.06 -12.65
C VAL A 129 -18.28 -0.40 -13.40
N SER A 130 -17.98 0.26 -14.51
CA SER A 130 -18.99 1.06 -15.21
C SER A 130 -20.09 0.22 -15.86
N GLN A 131 -19.85 -1.08 -16.00
CA GLN A 131 -20.88 -2.03 -16.42
CA GLN A 131 -20.89 -2.02 -16.42
C GLN A 131 -21.82 -2.37 -15.24
N GLN A 132 -21.58 -1.80 -14.06
CA GLN A 132 -22.30 -2.26 -12.87
C GLN A 132 -23.18 -1.23 -12.22
N ILE A 133 -23.17 -0.01 -12.76
CA ILE A 133 -24.00 1.06 -12.28
C ILE A 133 -25.46 0.69 -12.48
N ILE A 134 -26.23 0.87 -11.41
CA ILE A 134 -27.63 0.52 -11.32
C ILE A 134 -28.48 1.79 -11.36
N GLU A 135 -29.56 1.77 -12.15
CA GLU A 135 -30.59 2.83 -12.14
C GLU A 135 -31.14 3.11 -10.75
N PRO A 136 -31.39 4.38 -10.42
CA PRO A 136 -31.19 5.57 -11.21
C PRO A 136 -29.95 6.39 -10.83
N SER A 137 -28.80 5.72 -10.66
CA SER A 137 -27.50 6.40 -10.41
C SER A 137 -27.11 7.29 -11.58
N PRO A 138 -26.49 8.45 -11.30
CA PRO A 138 -26.17 8.98 -9.99
C PRO A 138 -27.37 9.67 -9.37
N ILE A 139 -27.60 9.43 -8.08
CA ILE A 139 -28.67 10.10 -7.37
C ILE A 139 -28.09 11.39 -6.78
N VAL A 140 -28.65 12.51 -7.23
CA VAL A 140 -28.29 13.81 -6.71
C VAL A 140 -29.15 14.11 -5.48
N VAL A 141 -28.51 14.10 -4.33
CA VAL A 141 -29.20 14.43 -3.11
C VAL A 141 -29.20 15.94 -2.97
N GLY A 142 -28.09 16.56 -3.33
CA GLY A 142 -28.01 18.00 -3.25
C GLY A 142 -26.59 18.49 -3.14
N ASN A 143 -26.45 19.67 -2.56
CA ASN A 143 -25.13 20.26 -2.36
CA ASN A 143 -25.17 20.34 -2.41
C ASN A 143 -25.02 20.73 -0.93
N PHE A 144 -23.80 20.71 -0.41
CA PHE A 144 -23.59 21.02 1.01
C PHE A 144 -23.95 22.46 1.44
N SER A 145 -24.19 23.33 0.47
CA SER A 145 -24.65 24.66 0.81
C SER A 145 -26.19 24.72 0.90
N ASP A 146 -26.88 23.59 0.71
CA ASP A 146 -28.33 23.53 0.83
C ASP A 146 -28.77 23.68 2.29
N THR A 147 -30.06 23.99 2.51
CA THR A 147 -30.63 23.96 3.86
C THR A 147 -30.57 22.53 4.36
N VAL A 148 -30.16 22.35 5.61
CA VAL A 148 -29.84 21.04 6.15
C VAL A 148 -31.01 20.05 6.11
N SER A 149 -32.20 20.52 6.47
CA SER A 149 -33.36 19.64 6.60
CA SER A 149 -33.35 19.63 6.61
C SER A 149 -33.87 19.12 5.27
N GLU A 150 -33.92 19.98 4.24
CA GLU A 150 -34.27 19.52 2.89
CA GLU A 150 -34.29 19.49 2.91
C GLU A 150 -33.26 18.49 2.42
N PHE A 151 -31.98 18.79 2.64
CA PHE A 151 -30.90 17.93 2.16
C PHE A 151 -31.00 16.58 2.87
N TYR A 152 -31.21 16.61 4.18
CA TYR A 152 -31.26 15.40 4.99
C TYR A 152 -32.44 14.51 4.60
N ASN A 153 -33.63 15.10 4.47
CA ASN A 153 -34.80 14.41 3.94
CA ASN A 153 -34.80 14.41 3.93
C ASN A 153 -34.53 13.71 2.60
N ARG A 154 -33.92 14.43 1.66
CA ARG A 154 -33.62 13.84 0.35
C ARG A 154 -32.60 12.70 0.46
N LEU A 155 -31.68 12.81 1.43
CA LEU A 155 -30.70 11.76 1.67
C LEU A 155 -31.41 10.51 2.13
N VAL A 156 -32.32 10.67 3.10
CA VAL A 156 -33.12 9.57 3.64
C VAL A 156 -33.95 8.91 2.54
N GLU A 157 -34.66 9.68 1.73
CA GLU A 157 -35.49 9.12 0.66
C GLU A 157 -34.65 8.30 -0.37
N ALA A 158 -33.48 8.83 -0.77
CA ALA A 158 -32.56 8.10 -1.67
C ALA A 158 -32.06 6.77 -1.09
N PHE A 159 -31.69 6.79 0.19
CA PHE A 159 -31.32 5.55 0.85
C PHE A 159 -32.48 4.55 0.88
N GLN A 160 -33.70 5.04 1.15
CA GLN A 160 -34.91 4.21 1.10
C GLN A 160 -35.10 3.54 -0.26
N ASN A 161 -35.01 4.33 -1.32
CA ASN A 161 -35.07 3.80 -2.66
C ASN A 161 -34.06 2.67 -2.88
N ILE A 162 -32.81 2.95 -2.56
CA ILE A 162 -31.69 2.01 -2.74
C ILE A 162 -31.87 0.70 -1.97
N ILE A 163 -32.31 0.84 -0.72
CA ILE A 163 -32.56 -0.32 0.14
C ILE A 163 -33.70 -1.18 -0.41
N ASP A 164 -34.83 -0.54 -0.77
CA ASP A 164 -35.95 -1.24 -1.39
CA ASP A 164 -35.95 -1.25 -1.38
C ASP A 164 -35.52 -2.03 -2.63
N ILE A 165 -34.79 -1.38 -3.54
CA ILE A 165 -34.32 -2.08 -4.74
C ILE A 165 -33.43 -3.28 -4.43
N SER A 166 -32.53 -3.13 -3.44
CA SER A 166 -31.60 -4.19 -3.04
C SER A 166 -32.33 -5.38 -2.45
N VAL A 167 -33.26 -5.10 -1.56
CA VAL A 167 -33.95 -6.15 -0.83
C VAL A 167 -34.82 -7.00 -1.77
N ASN A 168 -35.34 -6.39 -2.83
CA ASN A 168 -36.11 -7.10 -3.84
C ASN A 168 -35.31 -7.60 -5.05
N ASP A 169 -34.00 -7.29 -5.08
CA ASP A 169 -33.14 -7.61 -6.22
C ASP A 169 -33.73 -7.06 -7.54
N ALA A 170 -34.13 -5.80 -7.49
CA ALA A 170 -34.92 -5.20 -8.54
C ALA A 170 -34.09 -4.23 -9.37
N GLY A 171 -32.78 -4.26 -9.19
CA GLY A 171 -31.91 -3.32 -9.88
C GLY A 171 -31.80 -3.56 -11.38
N THR A 172 -31.65 -2.47 -12.13
CA THR A 172 -31.47 -2.50 -13.58
C THR A 172 -30.21 -1.74 -13.95
N TYR A 173 -29.38 -2.36 -14.78
CA TYR A 173 -28.14 -1.72 -15.22
C TYR A 173 -28.41 -0.52 -16.14
N LYS A 174 -27.74 0.59 -15.85
CA LYS A 174 -27.81 1.83 -16.66
C LYS A 174 -27.31 1.49 -18.07
N SER A 175 -28.14 1.73 -19.08
CA SER A 175 -27.79 1.31 -20.45
C SER A 175 -26.89 2.31 -21.19
N SER A 176 -27.08 3.60 -20.97
CA SER A 176 -26.29 4.59 -21.70
C SER A 176 -24.79 4.44 -21.43
N THR A 177 -24.42 4.48 -20.15
CA THR A 177 -23.10 4.17 -19.68
C THR A 177 -22.52 2.96 -20.38
N ALA A 178 -23.33 1.91 -20.44
CA ALA A 178 -22.90 0.66 -21.03
C ALA A 178 -22.75 0.81 -22.53
N ASN A 179 -23.66 1.55 -23.17
CA ASN A 179 -23.58 1.78 -24.60
CA ASN A 179 -23.58 1.79 -24.61
C ASN A 179 -22.34 2.61 -24.95
N LEU A 180 -22.05 3.63 -24.15
CA LEU A 180 -20.88 4.45 -24.38
C LEU A 180 -19.56 3.68 -24.15
N VAL A 181 -19.53 2.86 -23.11
CA VAL A 181 -18.36 2.02 -22.87
C VAL A 181 -18.10 1.18 -24.11
N ASP A 182 -19.17 0.56 -24.63
CA ASP A 182 -19.10 -0.30 -25.81
C ASP A 182 -18.54 0.42 -27.02
N ILE A 183 -19.14 1.57 -27.35
CA ILE A 183 -18.68 2.41 -28.45
C ILE A 183 -17.18 2.71 -28.38
N LEU A 184 -16.69 3.02 -27.19
CA LEU A 184 -15.29 3.41 -26.99
C LEU A 184 -14.34 2.22 -27.01
N GLU A 185 -14.73 1.12 -26.37
CA GLU A 185 -13.97 -0.12 -26.43
C GLU A 185 -13.66 -0.55 -27.85
N ASN A 186 -14.61 -0.37 -28.77
CA ASN A 186 -14.45 -0.77 -30.17
CA ASN A 186 -14.43 -0.78 -30.17
C ASN A 186 -13.67 0.24 -31.01
N ARG A 187 -13.33 1.39 -30.42
CA ARG A 187 -12.62 2.44 -31.14
C ARG A 187 -11.25 2.74 -30.53
N LYS A 188 -10.89 1.93 -29.55
CA LYS A 188 -9.68 2.08 -28.75
C LYS A 188 -8.41 2.09 -29.64
N ASP A 189 -8.43 1.29 -30.70
CA ASP A 189 -7.28 1.13 -31.58
C ASP A 189 -7.40 1.95 -32.87
N ASN A 190 -8.36 2.89 -32.88
CA ASN A 190 -8.53 3.79 -34.00
C ASN A 190 -8.63 5.21 -33.48
N SER A 191 -7.53 5.95 -33.56
CA SER A 191 -7.47 7.26 -32.92
C SER A 191 -8.44 8.27 -33.54
N THR A 192 -8.72 8.11 -34.83
CA THR A 192 -9.68 8.95 -35.57
C THR A 192 -11.08 8.79 -35.00
N SER A 193 -11.61 7.56 -35.03
CA SER A 193 -12.97 7.34 -34.57
C SER A 193 -13.16 7.49 -33.05
N TRP A 194 -12.12 7.12 -32.29
CA TRP A 194 -12.06 7.42 -30.85
C TRP A 194 -12.32 8.91 -30.63
N HIS A 195 -11.51 9.74 -31.28
CA HIS A 195 -11.60 11.19 -31.11
C HIS A 195 -12.97 11.73 -31.53
N GLN A 196 -13.47 11.23 -32.66
CA GLN A 196 -14.76 11.61 -33.26
C GLN A 196 -15.95 11.37 -32.34
N ALA A 197 -15.91 10.24 -31.64
CA ALA A 197 -16.95 9.90 -30.67
C ALA A 197 -16.89 10.85 -29.47
N LEU A 198 -15.67 11.18 -29.06
CA LEU A 198 -15.50 12.02 -27.89
C LEU A 198 -15.88 13.48 -28.13
N VAL A 199 -15.78 13.92 -29.38
CA VAL A 199 -16.22 15.28 -29.76
C VAL A 199 -17.72 15.46 -29.48
N VAL A 200 -18.52 14.50 -29.94
CA VAL A 200 -19.96 14.58 -29.83
C VAL A 200 -20.39 14.38 -28.36
N ALA A 201 -19.93 13.28 -27.76
CA ALA A 201 -20.24 12.94 -26.39
C ALA A 201 -19.81 14.05 -25.42
N GLY A 202 -18.60 14.55 -25.60
CA GLY A 202 -18.08 15.64 -24.81
C GLY A 202 -18.82 16.95 -24.93
N TYR A 203 -19.22 17.30 -26.15
CA TYR A 203 -20.04 18.48 -26.40
C TYR A 203 -21.30 18.45 -25.55
N GLU A 204 -21.96 17.28 -25.51
CA GLU A 204 -23.20 17.15 -24.77
C GLU A 204 -23.00 17.15 -23.26
N TYR A 205 -21.98 16.46 -22.78
CA TYR A 205 -21.68 16.39 -21.34
C TYR A 205 -21.19 17.74 -20.78
N ILE A 206 -20.33 18.41 -21.53
CA ILE A 206 -19.84 19.75 -21.17
C ILE A 206 -20.98 20.73 -21.04
N ARG A 207 -21.89 20.70 -22.02
CA ARG A 207 -23.03 21.62 -22.02
C ARG A 207 -23.93 21.42 -20.82
N GLY A 208 -24.07 20.17 -20.39
CA GLY A 208 -24.83 19.85 -19.19
C GLY A 208 -24.18 20.33 -17.91
N VAL A 209 -22.89 20.11 -17.75
CA VAL A 209 -22.17 20.57 -16.59
C VAL A 209 -22.25 22.09 -16.48
N LEU A 210 -22.11 22.76 -17.60
CA LEU A 210 -22.02 24.22 -17.59
C LEU A 210 -23.39 24.88 -17.41
N ARG A 211 -24.43 24.37 -18.09
CA ARG A 211 -25.78 24.91 -17.93
C ARG A 211 -26.31 24.73 -16.50
N GLY A 212 -26.00 23.59 -15.89
CA GLY A 212 -26.41 23.36 -14.51
C GLY A 212 -25.73 24.33 -13.54
N GLN A 213 -24.75 25.08 -14.02
CA GLN A 213 -24.04 26.00 -13.15
C GLN A 213 -24.24 27.44 -13.60
N ASN A 214 -25.30 27.62 -14.39
CA ASN A 214 -25.72 28.92 -14.91
CA ASN A 214 -25.71 28.94 -14.88
C ASN A 214 -24.63 29.60 -15.73
N VAL A 215 -23.88 28.79 -16.47
CA VAL A 215 -22.87 29.32 -17.37
C VAL A 215 -23.47 29.21 -18.77
N GLU A 216 -23.35 30.28 -19.56
CA GLU A 216 -23.95 30.31 -20.90
C GLU A 216 -23.24 29.31 -21.84
N VAL A 217 -24.03 28.53 -22.58
CA VAL A 217 -23.50 27.54 -23.53
C VAL A 217 -24.25 27.66 -24.85
N PRO A 218 -23.65 27.20 -25.95
CA PRO A 218 -24.40 27.20 -27.22
C PRO A 218 -25.70 26.39 -27.08
N THR A 219 -26.80 26.91 -27.59
CA THR A 219 -28.12 26.36 -27.30
C THR A 219 -28.50 25.13 -28.13
N ARG A 220 -27.83 24.95 -29.28
CA ARG A 220 -28.17 23.81 -30.13
C ARG A 220 -27.50 22.52 -29.66
N ASP A 221 -28.26 21.42 -29.67
CA ASP A 221 -27.77 20.11 -29.32
C ASP A 221 -26.95 19.50 -30.45
N ALA A 222 -25.98 18.65 -30.11
CA ALA A 222 -25.11 18.00 -31.09
C ALA A 222 -25.85 17.45 -32.31
N ILE A 223 -27.01 16.84 -32.09
CA ILE A 223 -27.74 16.16 -33.18
C ILE A 223 -28.20 17.10 -34.29
N TYR A 224 -28.45 18.35 -33.94
CA TYR A 224 -28.74 19.40 -34.90
C TYR A 224 -27.64 19.54 -35.98
N PHE A 225 -26.39 19.36 -35.57
CA PHE A 225 -25.24 19.51 -36.46
C PHE A 225 -24.82 18.20 -37.12
N LYS A 226 -25.67 17.16 -37.07
CA LYS A 226 -25.32 15.86 -37.65
C LYS A 226 -24.92 15.94 -39.11
N SER A 227 -25.60 16.78 -39.89
CA SER A 227 -25.28 16.90 -41.31
C SER A 227 -24.10 17.88 -41.56
N ARG A 228 -23.82 18.76 -40.59
CA ARG A 228 -22.65 19.65 -40.66
C ARG A 228 -21.76 19.61 -39.39
N PRO A 229 -20.99 18.51 -39.21
CA PRO A 229 -20.22 18.28 -37.99
C PRO A 229 -19.05 19.26 -37.78
N GLY A 230 -18.51 19.79 -38.86
CA GLY A 230 -17.58 20.90 -38.78
C GLY A 230 -18.08 21.99 -37.86
N ARG A 231 -19.38 22.26 -37.89
CA ARG A 231 -20.03 23.26 -37.03
C ARG A 231 -19.95 22.90 -35.55
N LEU A 232 -20.06 21.62 -35.24
CA LEU A 232 -19.93 21.12 -33.87
C LEU A 232 -18.58 21.56 -33.30
N LEU A 233 -17.50 21.33 -34.05
CA LEU A 233 -16.17 21.84 -33.67
C LEU A 233 -16.13 23.35 -33.36
N GLU A 234 -16.65 24.16 -34.27
CA GLU A 234 -16.71 25.61 -34.04
C GLU A 234 -17.60 25.98 -32.86
N GLU A 235 -18.72 25.28 -32.70
CA GLU A 235 -19.59 25.57 -31.55
C GLU A 235 -18.93 25.23 -30.21
N GLY A 236 -18.20 24.11 -30.19
CA GLY A 236 -17.42 23.71 -29.02
C GLY A 236 -16.35 24.70 -28.65
N ARG A 237 -15.53 25.10 -29.63
CA ARG A 237 -14.46 26.07 -29.41
C ARG A 237 -14.94 27.40 -28.78
N LYS A 238 -16.20 27.77 -29.01
CA LYS A 238 -16.74 28.97 -28.36
C LYS A 238 -16.86 28.81 -26.84
N ILE A 239 -16.88 27.56 -26.37
CA ILE A 239 -16.86 27.29 -24.93
C ILE A 239 -15.40 27.25 -24.52
N ASP A 240 -14.65 26.30 -25.09
CA ASP A 240 -13.22 26.08 -24.85
C ASP A 240 -12.75 24.79 -25.50
N PHE A 241 -12.00 24.00 -24.73
CA PHE A 241 -11.62 22.61 -25.03
C PHE A 241 -11.06 22.45 -26.44
N ASN A 242 -10.17 23.35 -26.81
CA ASN A 242 -9.55 23.33 -28.13
C ASN A 242 -9.07 21.95 -28.55
N VAL A 243 -8.38 21.26 -27.64
CA VAL A 243 -7.78 19.97 -28.00
C VAL A 243 -8.86 18.90 -28.25
N LEU A 244 -10.01 19.02 -27.59
CA LEU A 244 -11.16 18.18 -27.92
C LEU A 244 -11.84 18.65 -29.21
N PHE A 245 -12.06 19.96 -29.33
CA PHE A 245 -12.75 20.49 -30.49
C PHE A 245 -11.78 20.82 -31.61
N SER A 246 -11.02 19.79 -31.95
CA SER A 246 -10.08 19.85 -33.06
CA SER A 246 -10.06 19.84 -33.05
C SER A 246 -10.41 18.73 -34.04
N GLU A 247 -9.80 18.78 -35.23
CA GLU A 247 -9.98 17.76 -36.27
C GLU A 247 -9.39 16.43 -35.79
N PRO A 248 -9.85 15.30 -36.35
CA PRO A 248 -10.87 15.20 -37.40
C PRO A 248 -12.32 15.43 -36.89
N GLU A 249 -13.14 16.09 -37.70
CA GLU A 249 -14.59 16.19 -37.49
C GLU A 249 -15.23 14.81 -37.31
N PRO A 250 -16.32 14.73 -36.54
CA PRO A 250 -17.18 13.56 -36.63
C PRO A 250 -17.68 13.36 -38.06
N ASN A 251 -18.02 12.13 -38.41
CA ASN A 251 -18.64 11.82 -39.69
C ASN A 251 -20.15 11.73 -39.54
N THR A 252 -20.87 12.28 -40.51
CA THR A 252 -22.33 12.18 -40.58
C THR A 252 -22.79 10.71 -40.57
N ASN A 253 -22.03 9.84 -41.23
CA ASN A 253 -22.40 8.42 -41.36
C ASN A 253 -22.08 7.51 -40.17
N ASP A 254 -21.55 8.09 -39.09
CA ASP A 254 -21.18 7.32 -37.90
C ASP A 254 -22.39 6.51 -37.41
N ASN A 255 -22.20 5.20 -37.31
CA ASN A 255 -23.28 4.27 -36.97
C ASN A 255 -23.66 4.22 -35.48
N ASP A 256 -22.99 5.01 -34.65
CA ASP A 256 -23.17 4.88 -33.20
C ASP A 256 -23.40 6.21 -32.46
N ILE A 257 -22.67 7.24 -32.86
CA ILE A 257 -22.60 8.45 -32.04
C ILE A 257 -23.80 9.41 -32.16
N TRP A 258 -24.55 9.33 -33.27
CA TRP A 258 -25.66 10.28 -33.45
C TRP A 258 -26.96 9.73 -32.85
N ASN A 259 -26.86 9.19 -31.64
CA ASN A 259 -27.97 8.55 -30.96
C ASN A 259 -28.60 9.53 -29.96
N VAL A 260 -29.83 9.94 -30.21
CA VAL A 260 -30.49 10.91 -29.32
C VAL A 260 -30.50 10.47 -27.85
N ASN A 261 -30.88 9.22 -27.61
CA ASN A 261 -30.93 8.64 -26.27
C ASN A 261 -29.61 8.76 -25.53
N LEU A 262 -28.53 8.35 -26.20
CA LEU A 262 -27.23 8.40 -25.57
C LEU A 262 -26.81 9.86 -25.30
N LEU A 263 -27.01 10.71 -26.29
CA LEU A 263 -26.60 12.11 -26.18
C LEU A 263 -27.38 12.88 -25.10
N SER A 264 -28.69 12.70 -25.06
CA SER A 264 -29.51 13.25 -23.97
C SER A 264 -29.03 12.78 -22.61
N SER A 265 -28.75 11.47 -22.53
CA SER A 265 -28.29 10.83 -21.31
C SER A 265 -26.98 11.41 -20.80
N LEU A 266 -26.07 11.70 -21.72
CA LEU A 266 -24.78 12.32 -21.39
C LEU A 266 -24.95 13.78 -20.91
N ASN A 267 -25.87 14.49 -21.55
CA ASN A 267 -26.19 15.86 -21.14
C ASN A 267 -26.78 15.87 -19.73
N ASP A 268 -27.75 15.00 -19.48
CA ASP A 268 -28.34 14.77 -18.17
C ASP A 268 -27.26 14.40 -17.14
N LEU A 269 -26.39 13.46 -17.49
CA LEU A 269 -25.30 13.07 -16.62
C LEU A 269 -24.48 14.30 -16.17
N GLY A 270 -24.11 15.14 -17.13
CA GLY A 270 -23.51 16.43 -16.88
C GLY A 270 -24.31 17.29 -15.93
N ARG A 271 -25.61 17.46 -16.20
CA ARG A 271 -26.48 18.23 -15.31
C ARG A 271 -26.48 17.69 -13.88
N ARG A 272 -26.36 16.36 -13.74
CA ARG A 272 -26.40 15.75 -12.42
C ARG A 272 -25.12 15.94 -11.60
N ILE A 273 -23.97 15.78 -12.24
CA ILE A 273 -22.68 15.73 -11.53
C ILE A 273 -22.02 17.10 -11.39
N LEU A 274 -22.16 17.95 -12.42
CA LEU A 274 -21.61 19.31 -12.40
C LEU A 274 -20.09 19.31 -12.25
N THR A 275 -19.45 18.35 -12.88
CA THR A 275 -18.01 18.18 -12.79
C THR A 275 -17.58 17.46 -14.07
N GLY A 276 -16.31 17.60 -14.44
CA GLY A 276 -15.76 16.81 -15.54
C GLY A 276 -15.35 15.40 -15.17
N ASP A 277 -15.51 15.03 -13.89
CA ASP A 277 -14.95 13.77 -13.39
C ASP A 277 -15.60 12.50 -13.93
N GLU A 278 -16.94 12.45 -13.97
CA GLU A 278 -17.63 11.25 -14.43
C GLU A 278 -17.20 10.76 -15.81
N LEU A 279 -17.29 11.64 -16.81
CA LEU A 279 -16.90 11.27 -18.18
C LEU A 279 -15.40 10.99 -18.33
N ALA A 280 -14.56 11.84 -17.72
CA ALA A 280 -13.11 11.60 -17.72
C ALA A 280 -12.72 10.22 -17.17
N GLU A 281 -13.32 9.81 -16.04
CA GLU A 281 -13.03 8.51 -15.44
C GLU A 281 -13.46 7.36 -16.34
N LEU A 282 -14.64 7.51 -16.93
CA LEU A 282 -15.17 6.51 -17.81
C LEU A 282 -14.24 6.30 -19.01
N ILE A 283 -13.77 7.39 -19.60
CA ILE A 283 -12.87 7.32 -20.75
C ILE A 283 -11.53 6.72 -20.34
N HIS A 284 -11.05 7.14 -19.18
CA HIS A 284 -9.74 6.70 -18.69
C HIS A 284 -9.68 5.18 -18.49
N ASP A 285 -10.75 4.61 -17.92
CA ASP A 285 -10.90 3.17 -17.79
C ASP A 285 -10.68 2.39 -19.07
N ILE A 286 -11.20 2.92 -20.16
CA ILE A 286 -11.18 2.21 -21.43
C ILE A 286 -9.83 2.43 -22.08
N ALA A 287 -9.30 3.63 -21.93
CA ALA A 287 -8.07 4.02 -22.62
C ALA A 287 -6.89 3.35 -21.96
N THR A 288 -7.01 3.08 -20.67
CA THR A 288 -5.91 2.58 -19.88
C THR A 288 -6.04 1.07 -19.82
N ARG A 289 -6.34 0.43 -20.95
CA ARG A 289 -6.50 -1.03 -20.95
C ARG A 289 -5.28 -1.79 -21.50
N GLY A 290 -4.34 -1.08 -22.13
CA GLY A 290 -3.07 -1.71 -22.52
C GLY A 290 -2.12 -1.67 -21.32
N ARG A 291 -2.69 -1.31 -20.16
CA ARG A 291 -1.95 -1.11 -18.89
C ARG A 291 -0.60 -1.81 -18.80
N GLY A 292 0.42 -1.03 -18.45
CA GLY A 292 0.23 0.40 -18.11
C GLY A 292 1.16 1.31 -18.90
N HIS A 293 0.94 2.64 -18.88
CA HIS A 293 -0.21 3.39 -18.27
C HIS A 293 -0.30 3.55 -16.76
N GLU A 294 0.37 2.71 -15.98
CA GLU A 294 0.24 2.85 -14.52
C GLU A 294 1.35 3.76 -14.00
N GLY A 295 1.19 4.23 -12.77
CA GLY A 295 2.19 5.04 -12.12
C GLY A 295 2.46 4.41 -10.78
N VAL A 296 3.18 5.13 -9.92
CA VAL A 296 3.60 4.64 -8.61
C VAL A 296 2.43 4.21 -7.73
N VAL A 297 1.41 5.07 -7.59
CA VAL A 297 0.22 4.73 -6.77
C VAL A 297 -1.03 4.77 -7.61
N PRO A 298 -2.07 4.03 -7.19
CA PRO A 298 -3.39 4.14 -7.83
C PRO A 298 -3.98 5.49 -7.47
N THR A 299 -5.03 5.90 -8.18
CA THR A 299 -5.72 7.18 -7.90
C THR A 299 -5.82 7.43 -6.39
N ASP A 300 -5.25 8.53 -5.92
CA ASP A 300 -5.46 8.96 -4.54
C ASP A 300 -5.73 10.45 -4.46
N ILE A 301 -7.02 10.79 -4.45
CA ILE A 301 -7.48 12.17 -4.40
C ILE A 301 -7.24 12.81 -3.03
N GLU A 302 -7.37 12.02 -1.96
CA GLU A 302 -7.06 12.53 -0.61
C GLU A 302 -5.61 13.00 -0.52
N LEU A 303 -4.69 12.18 -1.02
CA LEU A 303 -3.27 12.53 -1.10
C LEU A 303 -3.05 13.83 -1.89
N GLY A 304 -3.73 13.94 -3.03
CA GLY A 304 -3.63 15.11 -3.89
C GLY A 304 -4.02 16.38 -3.16
N LYS A 305 -5.07 16.30 -2.35
CA LYS A 305 -5.51 17.41 -1.52
C LYS A 305 -4.45 17.82 -0.47
N VAL A 306 -3.81 16.84 0.15
CA VAL A 306 -2.72 17.11 1.08
C VAL A 306 -1.51 17.68 0.33
N LEU A 307 -1.22 17.17 -0.87
CA LEU A 307 -0.07 17.64 -1.65
C LEU A 307 -0.18 19.10 -1.99
N SER A 308 -1.40 19.52 -2.31
CA SER A 308 -1.71 20.90 -2.62
C SER A 308 -1.33 21.82 -1.47
N ILE A 309 -1.60 21.39 -0.25
CA ILE A 309 -1.33 22.20 0.93
C ILE A 309 0.17 22.28 1.17
N ILE A 310 0.85 21.13 1.11
CA ILE A 310 2.31 21.03 1.24
C ILE A 310 3.06 21.82 0.17
N SER A 311 2.60 21.75 -1.09
CA SER A 311 3.26 22.45 -2.20
C SER A 311 3.30 23.96 -1.96
N GLN A 312 2.13 24.50 -1.57
CA GLN A 312 1.97 25.91 -1.28
C GLN A 312 2.83 26.36 -0.11
N HIS A 313 3.07 25.45 0.83
CA HIS A 313 3.86 25.75 2.01
C HIS A 313 5.34 25.74 1.64
N ILE A 314 5.75 24.85 0.74
CA ILE A 314 7.13 24.86 0.30
C ILE A 314 7.40 26.04 -0.62
N LEU A 315 6.44 26.34 -1.49
CA LEU A 315 6.50 27.53 -2.33
C LEU A 315 6.78 28.79 -1.49
N GLY A 316 6.10 28.91 -0.35
CA GLY A 316 6.45 29.93 0.64
C GLY A 316 6.05 31.34 0.25
N ARG A 317 5.15 31.46 -0.74
CA ARG A 317 4.75 32.74 -1.31
C ARG A 317 3.59 32.49 -2.28
N PRO A 318 2.91 33.57 -2.73
CA PRO A 318 1.81 33.39 -3.69
C PRO A 318 2.28 33.04 -5.09
N LEU A 319 1.49 32.21 -5.75
CA LEU A 319 1.61 31.92 -7.17
C LEU A 319 1.09 33.12 -7.96
N THR A 320 1.95 33.75 -8.76
CA THR A 320 1.47 34.86 -9.59
C THR A 320 0.82 34.36 -10.89
N GLU A 321 0.05 35.25 -11.50
CA GLU A 321 -0.81 34.96 -12.67
C GLU A 321 -0.09 34.34 -13.90
N ASP A 322 1.21 34.56 -14.00
CA ASP A 322 2.04 34.05 -15.10
CA ASP A 322 2.01 34.03 -15.10
C ASP A 322 2.60 32.66 -14.81
N GLU A 323 2.52 32.22 -13.57
CA GLU A 323 3.12 30.97 -13.14
C GLU A 323 2.25 29.75 -13.41
N VAL A 324 2.85 28.68 -13.88
CA VAL A 324 2.10 27.49 -14.27
C VAL A 324 2.23 26.37 -13.24
N ILE A 325 1.17 25.59 -13.07
CA ILE A 325 1.19 24.30 -12.33
C ILE A 325 1.13 23.16 -13.35
N SER A 326 2.15 22.32 -13.35
CA SER A 326 2.32 21.24 -14.34
C SER A 326 2.28 19.83 -13.75
N ASP A 327 1.62 18.91 -14.46
CA ASP A 327 1.83 17.48 -14.31
C ASP A 327 2.29 16.94 -15.66
N PRO A 328 3.57 16.58 -15.79
CA PRO A 328 4.09 16.12 -17.07
C PRO A 328 3.79 14.66 -17.44
N ALA A 329 3.22 13.89 -16.51
CA ALA A 329 2.65 12.56 -16.79
C ALA A 329 1.28 12.51 -16.13
N ALA A 330 0.36 13.29 -16.68
CA ALA A 330 -0.90 13.65 -16.06
C ALA A 330 -1.86 12.49 -15.88
N GLY A 331 -1.81 11.53 -16.79
CA GLY A 331 -2.70 10.37 -16.74
C GLY A 331 -4.17 10.73 -16.82
N SER A 332 -4.89 10.43 -15.75
CA SER A 332 -6.33 10.68 -15.67
C SER A 332 -6.63 12.15 -15.37
N GLY A 333 -5.64 12.88 -14.89
CA GLY A 333 -5.83 14.27 -14.51
C GLY A 333 -6.23 14.48 -13.05
N ASN A 334 -6.47 13.39 -12.33
CA ASN A 334 -6.92 13.47 -10.95
C ASN A 334 -6.02 14.26 -10.04
N LEU A 335 -4.72 14.00 -10.13
CA LEU A 335 -3.77 14.62 -9.22
C LEU A 335 -3.65 16.13 -9.50
N LEU A 336 -3.54 16.49 -10.78
CA LEU A 336 -3.45 17.89 -11.20
C LEU A 336 -4.71 18.65 -10.86
N ALA A 337 -5.87 18.05 -11.13
CA ALA A 337 -7.14 18.67 -10.85
C ALA A 337 -7.26 18.94 -9.35
N THR A 338 -6.87 17.97 -8.53
CA THR A 338 -7.02 18.08 -7.09
C THR A 338 -6.07 19.15 -6.52
N VAL A 339 -4.81 19.09 -6.96
CA VAL A 339 -3.79 20.01 -6.50
C VAL A 339 -4.09 21.45 -6.95
N SER A 340 -4.42 21.63 -8.23
CA SER A 340 -4.82 22.92 -8.78
C SER A 340 -5.99 23.56 -8.02
N ALA A 341 -6.95 22.74 -7.60
CA ALA A 341 -8.17 23.25 -6.98
C ALA A 341 -7.87 23.86 -5.62
N GLY A 342 -6.71 23.52 -5.06
CA GLY A 342 -6.33 23.94 -3.72
C GLY A 342 -5.62 25.27 -3.69
N PHE A 343 -5.35 25.83 -4.88
CA PHE A 343 -4.71 27.14 -5.02
C PHE A 343 -5.80 28.17 -5.27
N ASN A 344 -6.18 28.95 -4.27
CA ASN A 344 -7.23 29.93 -4.51
CA ASN A 344 -7.21 29.98 -4.49
C ASN A 344 -6.83 30.90 -5.64
N ASN A 345 -7.82 31.37 -6.38
CA ASN A 345 -7.58 32.30 -7.48
C ASN A 345 -6.76 31.83 -8.71
N VAL A 346 -6.52 30.52 -8.88
CA VAL A 346 -5.86 30.08 -10.13
C VAL A 346 -6.77 30.27 -11.31
N MSE A 347 -6.17 30.62 -12.43
CA MSE A 347 -6.88 30.67 -13.70
C MSE A 347 -6.69 29.33 -14.41
O MSE A 347 -5.67 28.69 -14.26
CB MSE A 347 -6.33 31.81 -14.56
CG MSE A 347 -6.50 33.24 -13.98
SE MSE A 347 -8.37 33.70 -13.65
CE MSE A 347 -8.26 35.65 -13.73
N PRO A 348 -7.70 28.90 -15.18
CA PRO A 348 -7.56 27.74 -16.06
C PRO A 348 -6.29 27.78 -16.92
N ARG A 349 -5.87 28.97 -17.37
CA ARG A 349 -4.71 29.10 -18.24
C ARG A 349 -3.38 28.75 -17.56
N GLN A 350 -3.39 28.62 -16.24
CA GLN A 350 -2.15 28.32 -15.49
C GLN A 350 -1.92 26.82 -15.28
N ILE A 351 -2.86 26.00 -15.75
CA ILE A 351 -2.75 24.57 -15.61
C ILE A 351 -2.24 23.96 -16.91
N TRP A 352 -1.15 23.19 -16.80
CA TRP A 352 -0.63 22.41 -17.91
C TRP A 352 -0.53 20.91 -17.62
N ALA A 353 -1.31 20.14 -18.35
CA ALA A 353 -1.28 18.68 -18.30
C ALA A 353 -0.59 18.13 -19.55
N ASN A 354 0.38 17.25 -19.34
CA ASN A 354 1.00 16.54 -20.42
C ASN A 354 0.96 15.06 -20.15
N ASP A 355 0.67 14.26 -21.17
CA ASP A 355 0.88 12.81 -21.11
C ASP A 355 1.25 12.26 -22.48
N ILE A 356 2.21 11.34 -22.50
CA ILE A 356 2.62 10.65 -23.73
C ILE A 356 1.45 9.94 -24.43
N GLU A 357 0.51 9.43 -23.64
CA GLU A 357 -0.62 8.68 -24.15
C GLU A 357 -1.67 9.62 -24.71
N THR A 358 -1.75 9.69 -26.03
CA THR A 358 -2.65 10.64 -26.71
C THR A 358 -4.12 10.28 -26.54
N LEU A 359 -4.41 9.02 -26.21
CA LEU A 359 -5.79 8.63 -25.90
C LEU A 359 -6.33 9.32 -24.64
N PHE A 360 -5.45 9.93 -23.84
CA PHE A 360 -5.87 10.74 -22.69
C PHE A 360 -6.15 12.20 -23.04
N LEU A 361 -5.95 12.64 -24.28
CA LEU A 361 -6.05 14.09 -24.58
C LEU A 361 -7.43 14.69 -24.29
N GLU A 362 -8.49 14.01 -24.72
CA GLU A 362 -9.85 14.53 -24.62
C GLU A 362 -10.28 14.56 -23.17
N LEU A 363 -10.08 13.45 -22.46
CA LEU A 363 -10.51 13.35 -21.08
C LEU A 363 -9.79 14.38 -20.19
N LEU A 364 -8.52 14.66 -20.48
CA LEU A 364 -7.79 15.68 -19.72
C LEU A 364 -8.36 17.07 -19.99
N SER A 365 -8.74 17.32 -21.22
CA SER A 365 -9.39 18.55 -21.63
C SER A 365 -10.73 18.70 -20.90
N ILE A 366 -11.47 17.60 -20.82
CA ILE A 366 -12.77 17.61 -20.17
C ILE A 366 -12.67 17.82 -18.65
N ARG A 367 -11.84 17.03 -17.98
CA ARG A 367 -11.69 17.18 -16.55
C ARG A 367 -11.16 18.56 -16.14
N LEU A 368 -10.07 19.00 -16.74
CA LEU A 368 -9.42 20.23 -16.30
C LEU A 368 -10.15 21.49 -16.80
N GLY A 369 -10.80 21.38 -17.96
CA GLY A 369 -11.61 22.48 -18.47
C GLY A 369 -12.86 22.73 -17.63
N LEU A 370 -13.48 21.67 -17.10
CA LEU A 370 -14.67 21.88 -16.28
C LEU A 370 -14.34 22.05 -14.81
N LEU A 371 -13.05 22.07 -14.49
CA LEU A 371 -12.59 22.24 -13.12
C LEU A 371 -12.97 23.61 -12.56
N PHE A 372 -12.79 24.65 -13.39
CA PHE A 372 -13.17 26.00 -13.03
C PHE A 372 -14.27 26.49 -13.97
N PRO A 373 -15.53 26.07 -13.73
CA PRO A 373 -16.59 26.27 -14.72
C PRO A 373 -17.04 27.73 -14.90
N GLN A 374 -16.77 28.60 -13.91
CA GLN A 374 -17.13 30.01 -14.08
C GLN A 374 -16.08 30.77 -14.86
N LEU A 375 -14.89 30.18 -15.00
CA LEU A 375 -13.76 30.91 -15.54
C LEU A 375 -13.37 30.45 -16.94
N VAL A 376 -13.66 29.19 -17.26
CA VAL A 376 -13.24 28.60 -18.53
C VAL A 376 -13.86 29.33 -19.72
N SER A 377 -13.05 29.64 -20.73
CA SER A 377 -13.54 30.28 -21.93
C SER A 377 -12.59 30.09 -23.10
N SER A 378 -12.96 30.70 -24.23
CA SER A 378 -12.15 30.67 -25.45
C SER A 378 -10.81 31.36 -25.29
N ASN A 379 -10.67 32.19 -24.24
CA ASN A 379 -9.43 32.93 -23.93
C ASN A 379 -8.75 32.49 -22.64
N ASN A 380 -9.34 31.51 -21.93
CA ASN A 380 -8.86 31.13 -20.60
C ASN A 380 -9.11 29.64 -20.39
N ALA A 381 -8.13 28.83 -20.75
CA ALA A 381 -8.30 27.41 -20.71
C ALA A 381 -6.97 26.73 -20.39
N PRO A 382 -7.01 25.50 -19.84
CA PRO A 382 -5.78 24.77 -19.54
C PRO A 382 -5.08 24.32 -20.81
N THR A 383 -3.76 24.15 -20.73
CA THR A 383 -2.97 23.61 -21.82
C THR A 383 -2.88 22.09 -21.67
N ILE A 384 -3.29 21.39 -22.72
CA ILE A 384 -3.28 19.92 -22.74
C ILE A 384 -2.37 19.45 -23.85
N THR A 385 -1.28 18.75 -23.49
CA THR A 385 -0.35 18.23 -24.47
C THR A 385 -0.18 16.69 -24.41
N GLY A 386 0.22 16.10 -25.54
CA GLY A 386 0.40 14.66 -25.67
C GLY A 386 1.81 14.29 -26.10
N GLU A 387 2.78 14.78 -25.35
CA GLU A 387 4.20 14.64 -25.70
C GLU A 387 4.93 13.73 -24.73
N ASP A 388 5.88 12.97 -25.27
CA ASP A 388 6.88 12.28 -24.47
C ASP A 388 7.65 13.39 -23.77
N VAL A 389 7.85 13.28 -22.45
CA VAL A 389 8.74 14.20 -21.74
C VAL A 389 10.12 14.34 -22.39
N CYS A 390 10.65 13.26 -22.96
CA CYS A 390 11.96 13.29 -23.61
C CYS A 390 12.00 14.13 -24.88
N SER A 391 10.86 14.67 -25.29
CA SER A 391 10.78 15.59 -26.43
C SER A 391 10.69 17.04 -25.97
N LEU A 392 10.42 17.26 -24.69
CA LEU A 392 10.26 18.60 -24.14
C LEU A 392 11.62 19.24 -23.85
N ASN A 393 11.61 20.57 -23.72
CA ASN A 393 12.84 21.32 -23.48
C ASN A 393 12.64 22.34 -22.36
N PRO A 394 13.75 22.86 -21.77
CA PRO A 394 13.65 23.81 -20.65
C PRO A 394 12.69 24.99 -20.89
N GLU A 395 12.59 25.41 -22.14
CA GLU A 395 11.72 26.51 -22.58
CA GLU A 395 11.73 26.54 -22.45
C GLU A 395 10.23 26.20 -22.33
N ASP A 396 9.89 24.92 -22.46
CA ASP A 396 8.50 24.49 -22.26
C ASP A 396 8.10 24.64 -20.79
N PHE A 397 9.09 24.57 -19.90
CA PHE A 397 8.89 24.69 -18.47
C PHE A 397 9.26 26.07 -17.87
N ALA A 398 9.56 27.05 -18.71
CA ALA A 398 9.98 28.40 -18.26
C ALA A 398 9.05 29.07 -17.24
N ASN A 399 7.74 28.98 -17.48
CA ASN A 399 6.75 29.56 -16.59
C ASN A 399 6.27 28.64 -15.47
N VAL A 400 6.80 27.42 -15.43
CA VAL A 400 6.38 26.43 -14.44
C VAL A 400 7.03 26.68 -13.06
N SER A 401 6.19 26.88 -12.06
CA SER A 401 6.62 27.16 -10.69
C SER A 401 6.35 26.00 -9.74
N VAL A 402 5.40 25.13 -10.11
CA VAL A 402 5.05 23.98 -9.30
C VAL A 402 4.86 22.80 -10.22
N VAL A 403 5.57 21.72 -9.94
CA VAL A 403 5.31 20.44 -10.61
C VAL A 403 4.79 19.41 -9.63
N VAL A 404 3.76 18.68 -10.03
CA VAL A 404 3.33 17.51 -9.28
C VAL A 404 3.32 16.32 -10.21
N MSE A 405 3.72 15.17 -9.68
CA MSE A 405 3.76 13.95 -10.48
C MSE A 405 3.61 12.67 -9.66
O MSE A 405 4.10 12.55 -8.53
CB MSE A 405 5.02 13.89 -11.34
CG MSE A 405 6.31 13.59 -10.60
SE MSE A 405 7.84 14.04 -11.71
CE MSE A 405 8.01 15.91 -11.24
N ASN A 406 2.87 11.74 -10.25
CA ASN A 406 2.84 10.36 -9.84
C ASN A 406 3.49 9.60 -11.01
N PRO A 407 4.82 9.48 -10.98
CA PRO A 407 5.56 9.03 -12.17
C PRO A 407 5.29 7.59 -12.58
N PRO A 408 5.44 7.28 -13.89
CA PRO A 408 5.28 5.91 -14.39
C PRO A 408 6.14 4.96 -13.58
N TYR A 409 5.58 3.81 -13.24
CA TYR A 409 6.26 2.78 -12.51
C TYR A 409 5.91 1.49 -13.25
N VAL A 410 6.86 0.57 -13.32
CA VAL A 410 6.64 -0.70 -14.00
C VAL A 410 7.10 -1.78 -13.05
N SER A 411 6.15 -2.49 -12.46
CA SER A 411 6.46 -3.46 -11.43
C SER A 411 7.08 -4.69 -12.05
N GLY A 412 8.38 -4.62 -12.29
CA GLY A 412 9.10 -5.66 -12.99
C GLY A 412 10.41 -5.10 -13.46
N VAL A 413 10.85 -5.58 -14.63
CA VAL A 413 12.19 -5.27 -15.14
C VAL A 413 12.17 -4.18 -16.23
N THR A 414 12.85 -3.08 -15.92
CA THR A 414 12.90 -1.88 -16.76
C THR A 414 13.16 -2.21 -18.23
N ASP A 415 12.42 -1.57 -19.14
CA ASP A 415 12.65 -1.77 -20.57
C ASP A 415 13.90 -0.98 -20.96
N PRO A 416 14.93 -1.70 -21.44
CA PRO A 416 16.21 -1.04 -21.73
C PRO A 416 16.10 0.13 -22.71
N ALA A 417 15.20 0.04 -23.70
CA ALA A 417 15.06 1.14 -24.66
C ALA A 417 14.47 2.41 -24.01
N ILE A 418 13.60 2.23 -23.02
CA ILE A 418 13.06 3.32 -22.21
C ILE A 418 14.18 3.97 -21.37
N LYS A 419 14.95 3.12 -20.71
CA LYS A 419 16.14 3.49 -19.96
C LYS A 419 17.08 4.36 -20.80
N ARG A 420 17.43 3.88 -21.99
CA ARG A 420 18.31 4.61 -22.90
C ARG A 420 17.75 5.97 -23.31
N LYS A 421 16.46 6.00 -23.61
CA LYS A 421 15.84 7.23 -24.12
C LYS A 421 15.92 8.36 -23.08
N PHE A 422 15.65 8.05 -21.81
CA PHE A 422 15.79 8.99 -20.69
C PHE A 422 17.25 9.39 -20.39
N ALA A 423 18.14 8.40 -20.40
CA ALA A 423 19.56 8.64 -20.14
C ALA A 423 20.18 9.60 -21.15
N HIS A 424 19.96 9.35 -22.44
CA HIS A 424 20.49 10.24 -23.48
C HIS A 424 20.02 11.68 -23.30
N LYS A 425 18.71 11.85 -23.06
CA LYS A 425 18.13 13.17 -22.88
C LYS A 425 18.80 13.92 -21.72
N ILE A 426 19.01 13.22 -20.61
CA ILE A 426 19.73 13.76 -19.46
C ILE A 426 21.20 14.10 -19.80
N ILE A 427 21.89 13.20 -20.49
CA ILE A 427 23.25 13.49 -20.97
C ILE A 427 23.25 14.76 -21.80
N GLN A 428 22.36 14.83 -22.77
CA GLN A 428 22.25 15.98 -23.65
C GLN A 428 22.05 17.27 -22.85
N LEU A 429 21.12 17.27 -21.90
CA LEU A 429 20.80 18.48 -21.14
C LEU A 429 21.87 18.93 -20.14
N THR A 430 22.55 17.99 -19.51
CA THR A 430 23.46 18.31 -18.40
C THR A 430 24.93 18.09 -18.73
N GLY A 431 25.17 17.43 -19.86
CA GLY A 431 26.53 17.03 -20.24
C GLY A 431 27.00 15.78 -19.54
N ASN A 432 26.22 15.29 -18.59
CA ASN A 432 26.65 14.17 -17.76
C ASN A 432 25.64 13.04 -17.65
N ARG A 433 26.11 11.84 -17.31
CA ARG A 433 25.25 10.69 -17.04
C ARG A 433 24.22 11.04 -15.95
N PRO A 434 23.09 10.30 -15.88
CA PRO A 434 22.10 10.59 -14.83
C PRO A 434 22.60 10.31 -13.41
N GLN A 435 22.24 11.17 -12.47
CA GLN A 435 22.66 11.00 -11.09
C GLN A 435 22.02 9.76 -10.47
N THR A 436 20.90 9.32 -11.05
CA THR A 436 20.16 8.17 -10.51
C THR A 436 20.49 6.84 -11.17
N LEU A 437 21.12 6.87 -12.34
CA LEU A 437 21.32 5.64 -13.12
C LEU A 437 22.47 4.77 -12.60
N PHE A 438 22.21 4.03 -11.53
CA PHE A 438 23.15 3.06 -10.98
C PHE A 438 22.32 1.86 -10.55
N GLY A 439 22.94 0.67 -10.54
CA GLY A 439 22.25 -0.56 -10.18
C GLY A 439 21.07 -0.91 -11.08
N GLN A 440 20.02 -1.46 -10.47
CA GLN A 440 18.80 -1.81 -11.20
CA GLN A 440 18.79 -1.81 -11.19
C GLN A 440 17.83 -0.62 -11.17
N ILE A 441 18.10 0.34 -12.05
CA ILE A 441 17.32 1.55 -12.18
C ILE A 441 15.82 1.33 -12.43
N GLY A 442 14.97 2.13 -11.79
CA GLY A 442 13.54 2.21 -12.12
C GLY A 442 13.24 3.47 -12.95
N VAL A 443 12.30 3.37 -13.88
CA VAL A 443 11.94 4.51 -14.74
C VAL A 443 11.47 5.73 -13.96
N GLU A 444 10.84 5.51 -12.81
CA GLU A 444 10.35 6.59 -11.96
C GLU A 444 11.44 7.57 -11.50
N ALA A 445 12.63 7.05 -11.22
CA ALA A 445 13.73 7.87 -10.75
C ALA A 445 14.33 8.67 -11.91
N LEU A 446 14.38 8.06 -13.09
CA LEU A 446 14.87 8.71 -14.29
C LEU A 446 13.95 9.83 -14.73
N PHE A 447 12.63 9.56 -14.65
CA PHE A 447 11.60 10.53 -14.99
C PHE A 447 11.70 11.75 -14.08
N LEU A 448 11.79 11.52 -12.77
CA LEU A 448 11.89 12.60 -11.81
C LEU A 448 13.12 13.49 -12.06
N GLU A 449 14.27 12.84 -12.25
CA GLU A 449 15.52 13.50 -12.57
C GLU A 449 15.43 14.32 -13.85
N LEU A 450 14.84 13.77 -14.91
CA LEU A 450 14.66 14.50 -16.16
C LEU A 450 13.83 15.76 -15.95
N VAL A 451 12.71 15.64 -15.22
CA VAL A 451 11.87 16.79 -14.97
C VAL A 451 12.63 17.83 -14.15
N THR A 452 13.35 17.37 -13.13
CA THR A 452 14.15 18.27 -12.29
C THR A 452 15.12 19.08 -13.14
N GLU A 453 15.79 18.43 -14.10
CA GLU A 453 16.77 19.13 -14.93
C GLU A 453 16.09 20.12 -15.86
N LEU A 454 14.94 19.74 -16.38
CA LEU A 454 14.12 20.58 -17.25
C LEU A 454 13.58 21.89 -16.61
N VAL A 455 13.36 21.92 -15.30
CA VAL A 455 12.77 23.13 -14.66
C VAL A 455 13.83 24.11 -14.13
N GLN A 456 13.40 25.34 -13.81
CA GLN A 456 14.29 26.36 -13.28
C GLN A 456 14.44 26.26 -11.78
N ASP A 457 15.55 26.82 -11.28
CA ASP A 457 15.80 26.94 -9.85
C ASP A 457 14.58 27.58 -9.17
N GLY A 458 14.28 27.11 -7.96
CA GLY A 458 13.12 27.61 -7.22
C GLY A 458 11.83 26.89 -7.50
N THR A 459 11.71 26.20 -8.64
CA THR A 459 10.53 25.40 -8.96
C THR A 459 10.27 24.35 -7.87
N VAL A 460 9.03 24.30 -7.39
CA VAL A 460 8.62 23.32 -6.39
C VAL A 460 8.24 21.99 -7.09
N ILE A 461 8.93 20.92 -6.72
CA ILE A 461 8.72 19.60 -7.31
C ILE A 461 8.24 18.64 -6.23
N SER A 462 7.03 18.12 -6.41
CA SER A 462 6.43 17.14 -5.51
C SER A 462 6.23 15.85 -6.27
N ALA A 463 6.83 14.78 -5.77
CA ALA A 463 6.80 13.50 -6.45
C ALA A 463 6.45 12.37 -5.49
N ILE A 464 5.50 11.54 -5.92
CA ILE A 464 5.08 10.37 -5.18
C ILE A 464 6.03 9.24 -5.56
N MSE A 465 6.67 8.63 -4.57
CA MSE A 465 7.68 7.62 -4.86
C MSE A 465 7.56 6.35 -3.99
O MSE A 465 7.09 6.44 -2.86
CB MSE A 465 9.07 8.22 -4.69
CG MSE A 465 9.37 9.36 -5.68
SE MSE A 465 9.36 8.85 -7.58
CE MSE A 465 11.16 8.09 -7.69
N PRO A 466 8.00 5.21 -4.53
CA PRO A 466 8.07 4.00 -3.70
C PRO A 466 8.88 4.27 -2.44
N LYS A 467 8.36 3.85 -1.29
CA LYS A 467 9.00 4.10 0.00
C LYS A 467 10.36 3.41 0.13
N GLN A 468 10.56 2.34 -0.63
CA GLN A 468 11.85 1.64 -0.62
C GLN A 468 13.03 2.60 -0.73
N TYR A 469 12.86 3.66 -1.53
CA TYR A 469 13.90 4.67 -1.75
C TYR A 469 14.39 5.30 -0.45
N LEU A 470 13.52 5.36 0.56
CA LEU A 470 13.92 5.89 1.86
C LEU A 470 14.96 5.03 2.55
N THR A 471 14.75 3.71 2.47
CA THR A 471 15.44 2.77 3.35
C THR A 471 16.31 1.70 2.71
N ALA A 472 16.08 1.40 1.43
CA ALA A 472 16.80 0.32 0.73
C ALA A 472 18.28 0.61 0.55
N GLN A 473 19.07 -0.45 0.43
CA GLN A 473 20.54 -0.32 0.38
C GLN A 473 21.21 -0.66 -0.97
N GLY A 474 20.43 -1.00 -1.99
CA GLY A 474 21.01 -1.15 -3.34
C GLY A 474 21.71 0.14 -3.77
N ASN A 475 22.49 0.09 -4.85
CA ASN A 475 23.13 1.31 -5.38
C ASN A 475 22.14 2.29 -6.04
N GLU A 476 20.98 1.81 -6.44
CA GLU A 476 19.98 2.66 -7.09
C GLU A 476 19.25 3.57 -6.08
N SER A 477 19.04 3.06 -4.87
CA SER A 477 18.42 3.85 -3.80
C SER A 477 19.46 4.79 -3.23
N LYS A 478 20.71 4.33 -3.17
CA LYS A 478 21.79 5.18 -2.68
C LYS A 478 21.97 6.39 -3.61
N ALA A 479 22.03 6.15 -4.91
CA ALA A 479 22.13 7.23 -5.89
C ALA A 479 20.92 8.16 -5.86
N PHE A 480 19.74 7.61 -5.54
CA PHE A 480 18.53 8.40 -5.50
C PHE A 480 18.51 9.39 -4.36
N ARG A 481 18.89 8.93 -3.17
CA ARG A 481 19.02 9.81 -2.01
C ARG A 481 20.09 10.88 -2.21
N GLU A 482 21.13 10.56 -2.98
CA GLU A 482 22.16 11.55 -3.33
C GLU A 482 21.56 12.64 -4.21
N PHE A 483 20.75 12.22 -5.19
CA PHE A 483 20.01 13.13 -6.04
C PHE A 483 19.08 14.05 -5.24
N LEU A 484 18.38 13.48 -4.26
CA LEU A 484 17.42 14.26 -3.47
C LEU A 484 18.06 15.42 -2.72
N VAL A 485 19.21 15.15 -2.10
CA VAL A 485 19.90 16.17 -1.31
C VAL A 485 20.91 16.95 -2.15
N GLY A 486 20.96 16.67 -3.45
CA GLY A 486 21.68 17.49 -4.40
C GLY A 486 20.75 18.51 -5.06
N ASN A 487 20.85 18.58 -6.39
CA ASN A 487 20.07 19.43 -7.31
CA ASN A 487 20.10 19.59 -7.13
C ASN A 487 18.57 19.48 -7.03
N PHE A 488 18.04 18.34 -6.58
CA PHE A 488 16.61 18.22 -6.36
C PHE A 488 16.12 19.22 -5.30
N GLY A 489 16.97 19.48 -4.30
CA GLY A 489 16.67 20.46 -3.29
C GLY A 489 15.55 20.04 -2.37
N LEU A 490 15.64 18.80 -1.87
CA LEU A 490 14.70 18.25 -0.89
C LEU A 490 14.42 19.23 0.27
N GLU A 491 13.14 19.46 0.55
CA GLU A 491 12.76 20.30 1.67
C GLU A 491 11.82 19.57 2.61
N HIS A 492 11.07 18.63 2.04
CA HIS A 492 9.97 18.01 2.74
C HIS A 492 9.79 16.53 2.37
N ILE A 493 9.60 15.72 3.41
CA ILE A 493 9.25 14.30 3.27
C ILE A 493 7.91 14.01 3.96
N PHE A 494 6.97 13.49 3.20
CA PHE A 494 5.65 13.20 3.72
C PHE A 494 5.39 11.69 3.78
N LEU A 495 5.16 11.21 4.99
CA LEU A 495 4.90 9.78 5.24
C LEU A 495 3.45 9.60 5.62
N TYR A 496 2.78 8.68 4.94
CA TYR A 496 1.33 8.54 5.03
C TYR A 496 0.89 7.10 4.80
N PRO A 497 -0.30 6.71 5.33
CA PRO A 497 -0.89 5.41 4.98
C PRO A 497 -1.81 5.50 3.76
N ARG A 498 -1.75 4.48 2.91
CA ARG A 498 -2.49 4.46 1.65
C ARG A 498 -3.47 3.29 1.73
N GLU A 499 -4.48 3.30 0.85
CA GLU A 499 -5.52 2.28 0.89
C GLU A 499 -5.38 1.32 -0.27
N GLY A 500 -5.55 0.03 0.00
CA GLY A 500 -5.44 -1.00 -1.03
C GLY A 500 -6.75 -1.68 -1.26
N LEU A 501 -6.83 -2.47 -2.34
CA LEU A 501 -8.05 -3.22 -2.63
C LEU A 501 -8.44 -4.13 -1.48
N PHE A 502 -7.49 -4.95 -1.01
CA PHE A 502 -7.80 -5.93 0.05
C PHE A 502 -7.00 -5.73 1.32
N GLU A 503 -6.48 -4.51 1.49
CA GLU A 503 -5.72 -4.14 2.66
C GLU A 503 -6.10 -2.72 3.02
N GLU A 504 -6.47 -2.54 4.29
CA GLU A 504 -6.92 -1.25 4.77
C GLU A 504 -5.85 -0.16 4.68
N VAL A 505 -4.74 -0.36 5.38
CA VAL A 505 -3.65 0.64 5.39
C VAL A 505 -2.38 -0.03 4.90
N ILE A 506 -1.58 0.74 4.18
CA ILE A 506 -0.34 0.27 3.58
C ILE A 506 0.61 1.48 3.55
N LYS A 507 1.81 1.28 4.10
CA LYS A 507 2.84 2.32 4.09
C LYS A 507 3.97 1.86 3.19
N ASP A 508 3.79 2.09 1.90
CA ASP A 508 4.73 1.62 0.88
C ASP A 508 5.11 2.72 -0.10
N THR A 509 4.50 3.89 0.06
CA THR A 509 4.75 5.07 -0.76
CA THR A 509 4.89 5.04 -0.75
C THR A 509 5.09 6.26 0.12
N VAL A 510 5.76 7.24 -0.45
CA VAL A 510 6.15 8.42 0.28
C VAL A 510 6.08 9.62 -0.67
N VAL A 511 6.02 10.84 -0.14
CA VAL A 511 6.12 12.01 -0.99
C VAL A 511 7.40 12.84 -0.73
N PHE A 512 8.15 13.08 -1.79
CA PHE A 512 9.34 13.92 -1.74
C PHE A 512 9.06 15.27 -2.37
N VAL A 513 9.28 16.33 -1.58
CA VAL A 513 9.02 17.68 -2.06
C VAL A 513 10.30 18.50 -2.05
N GLY A 514 10.73 18.87 -3.25
CA GLY A 514 11.92 19.69 -3.40
C GLY A 514 11.65 21.08 -3.94
N ARG A 515 12.61 21.96 -3.72
CA ARG A 515 12.64 23.23 -4.41
C ARG A 515 13.99 23.25 -5.12
N LYS A 516 13.97 23.25 -6.45
CA LYS A 516 15.19 23.04 -7.21
C LYS A 516 16.31 24.03 -6.88
N GLY A 517 17.50 23.51 -6.60
CA GLY A 517 18.67 24.32 -6.33
C GLY A 517 18.81 24.83 -4.91
N SER A 518 17.85 24.53 -4.05
CA SER A 518 17.97 24.95 -2.65
C SER A 518 18.85 23.99 -1.86
N SER A 519 19.22 24.41 -0.65
CA SER A 519 20.02 23.61 0.27
C SER A 519 19.63 23.98 1.70
N VAL A 520 18.37 23.77 2.02
CA VAL A 520 17.83 24.13 3.31
C VAL A 520 18.54 23.38 4.45
N GLU A 521 18.71 24.06 5.58
CA GLU A 521 19.45 23.47 6.70
CA GLU A 521 19.40 23.53 6.77
C GLU A 521 18.70 22.31 7.38
N GLU A 522 17.39 22.45 7.57
CA GLU A 522 16.58 21.42 8.21
C GLU A 522 15.45 21.02 7.28
N ILE A 523 15.28 19.71 7.13
CA ILE A 523 14.26 19.16 6.25
C ILE A 523 13.08 18.74 7.10
N GLU A 524 11.88 19.12 6.66
CA GLU A 524 10.64 18.71 7.30
C GLU A 524 10.37 17.23 7.05
N VAL A 525 9.97 16.53 8.11
CA VAL A 525 9.42 15.19 7.99
C VAL A 525 8.01 15.23 8.58
N LEU A 526 7.03 15.03 7.72
CA LEU A 526 5.64 15.04 8.13
C LEU A 526 5.06 13.62 8.10
N ASP A 527 4.64 13.16 9.27
CA ASP A 527 4.11 11.82 9.43
C ASP A 527 2.65 11.87 9.85
N SER A 528 1.80 11.24 9.03
CA SER A 528 0.39 11.06 9.33
C SER A 528 0.18 9.68 9.97
N PHE A 529 -0.33 9.68 11.20
CA PHE A 529 -0.71 8.44 11.87
C PHE A 529 -2.11 8.00 11.45
N THR A 530 -2.84 8.97 10.90
CA THR A 530 -4.24 8.88 10.55
C THR A 530 -4.42 8.70 9.04
N PRO A 531 -5.41 7.89 8.60
CA PRO A 531 -5.78 7.81 7.19
C PRO A 531 -6.17 9.19 6.69
N LEU A 532 -5.90 9.47 5.42
CA LEU A 532 -5.98 10.85 4.94
C LEU A 532 -7.39 11.44 4.89
N GLU A 533 -8.39 10.57 4.85
CA GLU A 533 -9.79 10.98 4.85
C GLU A 533 -10.19 11.56 6.20
N GLN A 534 -9.43 11.24 7.25
CA GLN A 534 -9.71 11.73 8.59
C GLN A 534 -8.98 13.03 8.92
N VAL A 535 -8.10 13.46 8.02
CA VAL A 535 -7.37 14.69 8.21
C VAL A 535 -8.25 15.91 7.95
N ASP A 536 -8.44 16.75 8.95
CA ASP A 536 -9.11 18.05 8.75
C ASP A 536 -8.16 19.00 7.98
N LEU A 537 -8.51 19.30 6.74
CA LEU A 537 -7.65 20.11 5.84
C LEU A 537 -7.42 21.57 6.29
N HIS A 538 -8.38 22.11 7.03
CA HIS A 538 -8.27 23.42 7.64
C HIS A 538 -7.21 23.41 8.75
N ASN A 539 -7.28 22.41 9.64
CA ASN A 539 -6.27 22.23 10.71
C ASN A 539 -4.86 22.07 10.15
N LEU A 540 -4.73 21.37 9.03
CA LEU A 540 -3.41 21.11 8.46
C LEU A 540 -2.81 22.38 7.85
N LYS A 541 -3.66 23.14 7.16
CA LYS A 541 -3.28 24.39 6.53
C LYS A 541 -2.67 25.33 7.57
N ARG A 542 -3.37 25.47 8.69
CA ARG A 542 -2.95 26.34 9.79
C ARG A 542 -1.77 25.80 10.58
N ALA A 543 -1.60 24.49 10.65
CA ALA A 543 -0.51 23.94 11.43
C ALA A 543 0.83 24.18 10.74
N LEU A 544 0.86 23.97 9.42
CA LEU A 544 2.05 24.19 8.62
C LEU A 544 2.47 25.66 8.64
N SER A 545 1.51 26.58 8.50
CA SER A 545 1.87 28.00 8.42
C SER A 545 2.04 28.72 9.76
N ASN A 546 1.80 28.03 10.88
CA ASN A 546 2.08 28.59 12.20
CA ASN A 546 2.11 28.63 12.18
C ASN A 546 3.37 28.04 12.78
N SER A 547 3.88 26.97 12.17
CA SER A 547 5.10 26.33 12.63
C SER A 547 6.30 27.24 12.36
N SER A 548 6.52 28.22 13.25
CA SER A 548 7.66 29.14 13.14
C SER A 548 9.02 28.44 13.34
N ASN A 549 10.02 29.16 13.85
CA ASN A 549 11.40 28.66 13.94
C ASN A 549 11.64 27.76 15.16
N GLU A 550 11.23 28.28 16.32
CA GLU A 550 11.33 27.59 17.61
C GLU A 550 10.16 26.60 17.77
N GLN A 551 8.94 27.12 17.70
CA GLN A 551 7.76 26.36 18.05
C GLN A 551 7.19 25.65 16.84
N ILE A 552 7.25 24.33 16.92
CA ILE A 552 6.68 23.46 15.93
C ILE A 552 5.32 22.99 16.44
N ILE A 553 4.26 23.44 15.74
CA ILE A 553 2.89 23.06 16.07
C ILE A 553 2.52 21.81 15.28
N GLN A 554 2.13 20.77 16.01
CA GLN A 554 1.73 19.50 15.42
C GLN A 554 0.27 19.58 15.00
N PRO A 555 -0.04 19.13 13.76
CA PRO A 555 -1.45 18.92 13.35
C PRO A 555 -2.02 17.64 13.97
N MSE A 556 -3.33 17.64 14.25
CA MSE A 556 -3.98 16.51 14.90
C MSE A 556 -3.94 15.26 14.03
O MSE A 556 -4.22 15.32 12.83
CB MSE A 556 -5.42 16.85 15.30
CG MSE A 556 -6.28 17.47 14.22
SE MSE A 556 -8.06 17.98 14.87
CE MSE A 556 -8.46 16.35 15.90
N GLY A 557 -3.57 14.15 14.66
CA GLY A 557 -3.36 12.88 13.97
C GLY A 557 -2.10 12.84 13.13
N MSE A 558 -1.20 13.81 13.36
CA MSE A 558 0.05 13.90 12.61
C MSE A 558 1.19 14.46 13.47
O MSE A 558 0.96 15.24 14.41
CB MSE A 558 -0.07 14.78 11.37
CG MSE A 558 -1.25 14.52 10.47
SE MSE A 558 -1.12 15.52 8.80
CE MSE A 558 0.36 14.58 8.01
N GLU A 559 2.41 14.09 13.11
CA GLU A 559 3.58 14.70 13.72
C GLU A 559 4.50 15.31 12.66
N LEU A 560 4.82 16.59 12.85
CA LEU A 560 5.85 17.26 12.07
C LEU A 560 7.16 17.34 12.85
N ARG A 561 8.25 16.88 12.23
CA ARG A 561 9.58 16.92 12.81
C ARG A 561 10.56 17.56 11.82
N LYS A 562 11.77 17.85 12.29
CA LYS A 562 12.83 18.44 11.46
C LYS A 562 14.11 17.63 11.58
N GLU A 563 14.75 17.36 10.45
CA GLU A 563 16.02 16.65 10.41
C GLU A 563 17.07 17.55 9.77
N LYS A 564 18.32 17.41 10.18
CA LYS A 564 19.39 18.28 9.66
C LYS A 564 19.91 17.68 8.38
N ARG A 565 20.04 18.49 7.33
CA ARG A 565 20.46 17.95 6.03
C ARG A 565 21.76 17.15 6.12
N GLU A 566 22.67 17.62 6.97
CA GLU A 566 23.96 16.96 7.22
CA GLU A 566 23.95 16.96 7.20
C GLU A 566 23.74 15.49 7.58
N GLU A 567 22.76 15.23 8.44
CA GLU A 567 22.46 13.86 8.85
C GLU A 567 21.95 12.99 7.71
N LEU A 568 21.17 13.55 6.80
CA LEU A 568 20.70 12.77 5.65
C LEU A 568 21.83 12.59 4.65
N GLU A 569 22.63 13.64 4.48
CA GLU A 569 23.77 13.59 3.56
C GLU A 569 24.79 12.52 3.93
N ASN A 570 25.14 12.45 5.22
CA ASN A 570 26.09 11.44 5.70
C ASN A 570 25.48 10.04 5.79
N ARG A 571 24.15 9.92 5.79
CA ARG A 571 23.51 8.59 5.89
C ARG A 571 22.89 8.11 4.57
N VAL A 572 23.49 8.54 3.47
CA VAL A 572 22.98 8.26 2.13
C VAL A 572 23.18 6.81 1.67
N THR A 573 24.29 6.17 2.04
CA THR A 573 24.46 4.77 1.66
C THR A 573 23.61 3.84 2.53
N VAL A 574 23.61 4.10 3.84
CA VAL A 574 22.89 3.26 4.81
C VAL A 574 21.36 3.41 4.75
N GLY A 575 20.87 4.61 4.50
CA GLY A 575 19.44 4.86 4.30
C GLY A 575 18.87 5.83 5.31
N TRP A 576 17.60 6.18 5.16
CA TRP A 576 16.99 7.17 6.04
C TRP A 576 15.91 6.60 6.96
N ARG A 577 16.06 5.35 7.34
CA ARG A 577 15.12 4.69 8.25
C ARG A 577 15.00 5.41 9.58
N HIS A 578 16.09 6.02 10.04
CA HIS A 578 16.09 6.82 11.26
C HIS A 578 15.03 7.93 11.30
N ILE A 579 14.54 8.38 10.14
CA ILE A 579 13.57 9.50 10.11
C ILE A 579 12.11 9.08 10.33
N THR A 580 11.82 7.79 10.20
CA THR A 580 10.46 7.27 10.31
C THR A 580 10.07 7.07 11.78
N SER A 581 8.79 7.24 12.09
CA SER A 581 8.32 7.07 13.47
C SER A 581 7.80 5.66 13.76
N ASN A 582 7.79 4.80 12.75
CA ASN A 582 7.20 3.47 12.86
C ASN A 582 7.74 2.63 14.04
N GLY A 583 9.03 2.73 14.29
CA GLY A 583 9.64 2.03 15.41
C GLY A 583 9.27 2.59 16.75
N ARG A 584 9.04 3.90 16.81
CA ARG A 584 8.74 4.56 18.09
C ARG A 584 7.31 4.27 18.53
N VAL A 585 6.37 4.39 17.59
CA VAL A 585 4.99 4.08 17.88
C VAL A 585 4.82 2.61 18.31
N ALA A 586 5.55 1.70 17.66
CA ALA A 586 5.53 0.28 18.05
C ALA A 586 6.03 0.07 19.48
N GLU A 587 7.13 0.73 19.85
CA GLU A 587 7.62 0.70 21.23
C GLU A 587 6.56 1.22 22.20
N GLU A 588 5.86 2.29 21.80
CA GLU A 588 4.76 2.83 22.61
C GLU A 588 3.63 1.80 22.73
N TRP A 589 3.22 1.24 21.60
CA TRP A 589 2.11 0.29 21.55
C TRP A 589 2.38 -0.92 22.46
N ILE A 590 3.62 -1.42 22.42
CA ILE A 590 4.01 -2.53 23.27
C ILE A 590 3.91 -2.15 24.74
N THR A 591 4.27 -0.91 25.06
CA THR A 591 4.27 -0.47 26.47
C THR A 591 2.86 -0.26 26.99
N ASN A 592 1.96 0.23 26.14
CA ASN A 592 0.59 0.52 26.55
C ASN A 592 -0.36 -0.68 26.44
N ASN A 593 0.15 -1.84 26.03
CA ASN A 593 -0.72 -2.98 25.75
C ASN A 593 -0.22 -4.36 26.18
N LEU A 594 1.10 -4.48 26.39
CA LEU A 594 1.69 -5.79 26.63
C LEU A 594 2.49 -5.85 27.92
N GLU A 595 3.10 -4.73 28.31
CA GLU A 595 4.07 -4.74 29.40
C GLU A 595 3.50 -5.09 30.77
N SER A 596 2.29 -4.62 31.05
CA SER A 596 1.66 -4.87 32.36
C SER A 596 1.41 -6.36 32.61
N HIS A 597 1.06 -7.10 31.55
CA HIS A 597 0.81 -8.55 31.66
C HIS A 597 2.02 -9.43 31.36
N CYS A 598 3.19 -8.81 31.15
CA CYS A 598 4.38 -9.58 30.80
C CYS A 598 5.53 -9.36 31.78
N ILE A 599 6.59 -10.14 31.60
CA ILE A 599 7.86 -9.91 32.27
C ILE A 599 8.96 -9.96 31.21
N ARG A 600 10.13 -9.41 31.52
CA ARG A 600 11.24 -9.44 30.59
C ARG A 600 11.95 -10.78 30.72
N LEU A 601 12.22 -11.41 29.59
CA LEU A 601 12.86 -12.73 29.54
C LEU A 601 14.00 -12.88 30.56
N VAL A 602 14.78 -11.82 30.73
CA VAL A 602 15.92 -11.80 31.66
C VAL A 602 15.49 -11.87 33.14
N ALA A 603 14.29 -11.37 33.45
CA ALA A 603 13.78 -11.43 34.82
C ALA A 603 13.23 -12.82 35.14
N SER A 604 12.71 -13.50 34.11
CA SER A 604 12.08 -14.82 34.25
C SER A 604 13.07 -15.86 34.75
N ASP A 605 12.57 -17.07 35.03
CA ASP A 605 13.39 -18.16 35.51
C ASP A 605 14.23 -18.88 34.43
N TYR A 606 14.01 -18.53 33.15
CA TYR A 606 14.64 -19.26 32.03
C TYR A 606 16.10 -18.88 31.76
N ASP A 607 16.87 -19.85 31.28
CA ASP A 607 18.26 -19.61 30.86
C ASP A 607 18.40 -19.40 29.35
N LEU A 608 19.31 -18.51 28.98
CA LEU A 608 19.62 -18.22 27.58
C LEU A 608 21.07 -18.58 27.26
N ARG A 609 21.28 -19.23 26.12
CA ARG A 609 22.63 -19.69 25.75
C ARG A 609 22.78 -19.85 24.24
N ARG A 610 23.91 -19.42 23.72
CA ARG A 610 24.18 -19.56 22.30
C ARG A 610 24.53 -21.01 21.97
N GLY A 611 23.97 -21.51 20.86
CA GLY A 611 24.31 -22.84 20.34
C GLY A 611 25.80 -23.10 20.38
N ARG A 612 26.17 -24.28 20.84
CA ARG A 612 27.58 -24.60 21.09
C ARG A 612 28.25 -25.43 20.01
N VAL A 613 27.48 -26.18 19.23
CA VAL A 613 28.07 -27.19 18.33
C VAL A 613 28.79 -26.58 17.12
N GLY A 614 29.97 -27.13 16.82
CA GLY A 614 30.68 -26.81 15.58
C GLY A 614 31.41 -25.49 15.57
N ASN A 615 31.91 -25.09 16.74
CA ASN A 615 32.58 -23.80 16.88
C ASN A 615 34.09 -23.89 16.73
N LYS A 616 34.64 -25.07 16.99
CA LYS A 616 36.07 -25.28 16.97
C LYS A 616 36.50 -26.26 15.86
N GLY A 617 36.00 -26.01 14.64
CA GLY A 617 36.42 -26.74 13.43
C GLY A 617 35.85 -28.14 13.26
N ALA A 618 36.19 -28.77 12.12
CA ALA A 618 35.70 -30.12 11.79
C ALA A 618 34.19 -30.22 11.60
N SER A 619 33.57 -29.10 11.16
CA SER A 619 32.13 -29.05 10.93
CA SER A 619 32.13 -29.05 10.94
C SER A 619 31.67 -30.15 9.99
N ASP A 620 32.44 -30.40 8.94
CA ASP A 620 32.10 -31.43 7.96
C ASP A 620 32.00 -32.83 8.55
N LEU A 621 32.72 -33.08 9.65
CA LEU A 621 32.62 -34.37 10.37
C LEU A 621 31.45 -34.41 11.36
N LEU A 622 31.26 -33.32 12.11
CA LEU A 622 30.18 -33.26 13.10
C LEU A 622 28.83 -33.34 12.44
N PHE A 623 28.66 -32.58 11.36
CA PHE A 623 27.45 -32.61 10.55
C PHE A 623 27.71 -33.49 9.33
N ILE A 624 27.80 -34.80 9.57
CA ILE A 624 28.31 -35.78 8.59
C ILE A 624 27.63 -35.75 7.24
N ASN A 625 26.37 -35.32 7.21
CA ASN A 625 25.59 -35.37 5.98
C ASN A 625 25.28 -34.02 5.34
N SER A 626 25.90 -32.96 5.85
CA SER A 626 25.67 -31.59 5.35
C SER A 626 26.28 -31.38 3.97
N LYS A 627 27.38 -32.09 3.70
CA LYS A 627 28.11 -31.99 2.44
C LYS A 627 27.89 -33.24 1.61
N LYS A 628 27.30 -33.03 0.43
CA LYS A 628 26.82 -34.14 -0.44
C LYS A 628 27.89 -35.13 -0.89
N LYS A 629 29.04 -34.64 -1.35
CA LYS A 629 30.08 -35.54 -1.87
C LYS A 629 30.67 -36.45 -0.79
N LEU A 630 30.91 -35.88 0.39
CA LEU A 630 31.34 -36.69 1.53
C LEU A 630 30.28 -37.73 1.89
N TRP A 631 29.02 -37.32 1.91
CA TRP A 631 27.91 -38.20 2.28
C TRP A 631 27.68 -39.33 1.27
N ASP A 632 27.89 -39.06 -0.02
CA ASP A 632 27.81 -40.10 -1.06
CA ASP A 632 27.80 -40.12 -1.06
C ASP A 632 28.78 -41.23 -0.76
N LEU A 633 29.84 -40.91 -0.03
CA LEU A 633 30.81 -41.91 0.35
C LEU A 633 30.42 -42.61 1.63
N LEU A 634 30.07 -41.82 2.63
CA LEU A 634 29.95 -42.30 3.99
C LEU A 634 28.60 -42.87 4.39
N ASP A 635 27.56 -42.61 3.62
CA ASP A 635 26.21 -42.96 4.07
C ASP A 635 26.02 -44.45 4.35
N GLU A 636 26.51 -45.32 3.48
CA GLU A 636 26.45 -46.76 3.74
C GLU A 636 27.26 -47.20 4.96
N SER A 637 28.09 -46.32 5.51
CA SER A 637 29.00 -46.70 6.61
C SER A 637 28.56 -46.29 8.01
N VAL A 638 27.52 -45.47 8.11
CA VAL A 638 27.12 -44.94 9.40
C VAL A 638 25.79 -45.54 9.83
N PRO A 639 25.73 -46.13 11.04
CA PRO A 639 24.47 -46.61 11.59
C PRO A 639 23.49 -45.46 11.76
N ARG A 640 22.24 -45.67 11.32
CA ARG A 640 21.20 -44.63 11.41
C ARG A 640 20.98 -44.09 12.83
N ASP A 641 21.14 -44.94 13.84
CA ASP A 641 20.92 -44.53 15.22
C ASP A 641 22.10 -43.79 15.85
N TRP A 642 23.15 -43.58 15.05
CA TRP A 642 24.27 -42.72 15.45
C TRP A 642 24.02 -41.29 14.97
N LEU A 643 22.97 -41.12 14.18
CA LEU A 643 22.62 -39.84 13.59
C LEU A 643 21.48 -39.19 14.37
N TYR A 644 21.72 -37.97 14.81
CA TYR A 644 20.77 -37.18 15.60
C TYR A 644 20.40 -35.92 14.83
N PRO A 645 19.13 -35.47 14.92
CA PRO A 645 18.71 -34.31 14.12
C PRO A 645 19.49 -33.07 14.56
N ALA A 646 19.92 -32.28 13.58
CA ALA A 646 20.89 -31.24 13.84
C ALA A 646 20.53 -29.92 13.17
N LEU A 647 21.05 -28.84 13.74
CA LEU A 647 20.89 -27.52 13.16
C LEU A 647 22.24 -26.87 12.89
N ARG A 648 22.49 -26.62 11.62
CA ARG A 648 23.70 -25.95 11.15
C ARG A 648 23.27 -24.58 10.64
N LYS A 649 22.59 -24.56 9.51
CA LYS A 649 22.04 -23.31 9.00
C LYS A 649 20.60 -23.22 9.49
N VAL A 650 20.26 -22.06 10.06
CA VAL A 650 18.96 -21.89 10.72
C VAL A 650 17.81 -22.09 9.71
N ASN A 651 18.16 -21.94 8.45
CA ASN A 651 17.27 -22.04 7.31
C ASN A 651 16.62 -23.41 7.12
N GLU A 652 17.33 -24.47 7.49
CA GLU A 652 16.93 -25.83 7.11
C GLU A 652 15.76 -26.47 7.88
N ILE A 653 15.19 -25.77 8.87
CA ILE A 653 14.11 -26.37 9.69
C ILE A 653 12.67 -26.12 9.20
N ASN A 654 12.28 -24.85 9.12
CA ASN A 654 10.97 -24.47 8.54
C ASN A 654 9.69 -25.05 9.17
N THR A 655 9.78 -25.54 10.40
CA THR A 655 8.61 -26.05 11.14
C THR A 655 8.83 -25.85 12.64
N PRO A 656 7.75 -25.65 13.42
CA PRO A 656 7.93 -25.43 14.86
C PRO A 656 8.45 -26.67 15.59
N ILE A 657 8.12 -27.84 15.07
CA ILE A 657 8.59 -29.11 15.63
C ILE A 657 9.97 -29.47 15.09
N PHE A 658 11.00 -29.44 15.95
CA PHE A 658 12.37 -29.81 15.56
C PHE A 658 12.69 -31.25 15.90
N ASN A 659 12.41 -32.14 14.95
CA ASN A 659 12.69 -33.58 15.06
C ASN A 659 13.23 -34.14 13.73
N GLU A 660 13.40 -35.45 13.64
CA GLU A 660 13.93 -36.10 12.45
C GLU A 660 13.20 -35.73 11.15
N ASP A 661 11.89 -35.47 11.25
CA ASP A 661 11.04 -35.20 10.09
C ASP A 661 11.12 -33.74 9.64
N ALA A 662 11.58 -32.86 10.54
CA ALA A 662 11.74 -31.45 10.25
C ALA A 662 12.91 -31.14 9.31
N THR A 663 13.93 -31.99 9.31
CA THR A 663 15.18 -31.71 8.60
C THR A 663 15.96 -33.00 8.29
N PRO A 664 16.62 -33.04 7.11
CA PRO A 664 17.45 -34.21 6.81
C PRO A 664 18.84 -34.15 7.48
N VAL A 665 19.24 -32.97 7.94
CA VAL A 665 20.58 -32.73 8.49
C VAL A 665 20.79 -33.48 9.79
N ARG A 666 21.96 -34.11 9.91
CA ARG A 666 22.26 -34.96 11.05
C ARG A 666 23.62 -34.66 11.66
N PHE A 667 23.70 -34.84 12.97
CA PHE A 667 24.94 -34.79 13.73
C PHE A 667 25.38 -36.21 14.11
N LEU A 668 26.68 -36.45 14.01
CA LEU A 668 27.29 -37.75 14.30
C LEU A 668 27.65 -37.93 15.76
N CYS A 669 26.84 -38.70 16.48
CA CYS A 669 27.06 -38.95 17.90
C CYS A 669 27.21 -40.45 18.17
N PRO A 670 28.44 -40.98 18.07
CA PRO A 670 28.66 -42.37 18.45
C PRO A 670 28.40 -42.58 19.94
N PRO A 671 27.91 -43.78 20.30
CA PRO A 671 27.66 -44.14 21.70
C PRO A 671 28.96 -44.25 22.48
N ASN A 672 28.87 -44.27 23.80
CA ASN A 672 30.03 -44.37 24.66
C ASN A 672 30.92 -45.59 24.38
N SER A 673 30.29 -46.73 24.07
CA SER A 673 31.02 -47.97 23.76
C SER A 673 31.86 -47.91 22.48
N ALA A 674 31.63 -46.89 21.66
CA ALA A 674 32.40 -46.68 20.43
C ALA A 674 33.77 -46.08 20.74
N TYR A 675 33.98 -45.72 22.00
CA TYR A 675 35.21 -45.06 22.42
C TYR A 675 36.09 -45.97 23.25
N GLN A 676 35.53 -47.09 23.70
CA GLN A 676 36.28 -48.13 24.41
C GLN A 676 36.71 -49.23 23.44
N ASP A 677 37.78 -49.93 23.76
CA ASP A 677 38.41 -50.83 22.80
CA ASP A 677 38.42 -50.85 22.80
C ASP A 677 38.01 -52.30 22.99
N GLY A 678 37.81 -53.00 21.88
CA GLY A 678 37.36 -54.40 21.87
C GLY A 678 35.97 -54.59 21.26
N THR A 679 35.08 -53.63 21.52
CA THR A 679 33.68 -53.67 21.06
C THR A 679 33.55 -53.56 19.54
N GLY A 680 32.35 -53.89 19.03
CA GLY A 680 32.03 -53.78 17.62
C GLY A 680 31.70 -52.36 17.22
N GLU A 681 31.35 -51.56 18.22
CA GLU A 681 31.02 -50.15 18.02
C GLU A 681 32.25 -49.34 17.66
N SER A 682 33.34 -49.55 18.39
CA SER A 682 34.61 -48.90 18.07
C SER A 682 35.04 -49.24 16.65
N ILE A 683 34.73 -50.46 16.21
CA ILE A 683 35.00 -50.93 14.83
C ILE A 683 34.25 -50.06 13.81
N ILE A 684 32.93 -50.00 13.97
CA ILE A 684 32.07 -49.22 13.10
C ILE A 684 32.62 -47.80 12.94
N LEU A 685 33.07 -47.22 14.05
CA LEU A 685 33.60 -45.85 14.06
C LEU A 685 34.94 -45.71 13.34
N ASP A 686 35.83 -46.67 13.58
CA ASP A 686 37.15 -46.72 12.91
C ASP A 686 37.02 -46.71 11.39
N LYS A 687 36.12 -47.55 10.88
CA LYS A 687 35.77 -47.57 9.46
C LYS A 687 35.33 -46.20 8.98
N ILE A 688 34.39 -45.57 9.70
CA ILE A 688 33.89 -44.24 9.35
C ILE A 688 35.03 -43.23 9.25
N LEU A 689 35.85 -43.16 10.29
CA LEU A 689 36.91 -42.16 10.33
C LEU A 689 37.95 -42.36 9.22
N ASP A 690 38.21 -43.63 8.89
CA ASP A 690 39.09 -43.99 7.79
C ASP A 690 38.63 -43.37 6.48
N VAL A 691 37.37 -43.62 6.12
CA VAL A 691 36.77 -43.06 4.90
C VAL A 691 36.76 -41.54 4.95
N TYR A 692 36.56 -40.97 6.14
CA TYR A 692 36.61 -39.50 6.30
C TYR A 692 38.01 -38.95 6.00
N VAL A 693 39.05 -39.61 6.53
CA VAL A 693 40.43 -39.22 6.26
C VAL A 693 40.76 -39.27 4.75
N ASP A 694 40.42 -40.38 4.10
CA ASP A 694 40.66 -40.56 2.66
C ASP A 694 40.02 -39.44 1.81
N PHE A 695 38.82 -39.01 2.18
CA PHE A 695 38.13 -37.92 1.46
C PHE A 695 38.79 -36.56 1.66
N GLN A 696 39.37 -36.35 2.84
CA GLN A 696 40.11 -35.12 3.13
C GLN A 696 41.37 -35.07 2.26
N VAL A 697 42.06 -36.21 2.13
CA VAL A 697 43.15 -36.38 1.16
C VAL A 697 42.64 -35.98 -0.24
N TYR A 698 41.64 -36.70 -0.74
CA TYR A 698 41.05 -36.47 -2.06
C TYR A 698 40.79 -34.99 -2.35
N LYS A 699 40.40 -34.27 -1.31
CA LYS A 699 40.08 -32.86 -1.43
C LYS A 699 41.34 -31.99 -1.37
N SER A 700 42.34 -32.48 -0.64
CA SER A 700 43.62 -31.79 -0.48
C SER A 700 44.42 -31.78 -1.79
N LYS A 701 44.93 -30.60 -2.15
CA LYS A 701 45.74 -30.42 -3.37
C LYS A 701 47.06 -31.19 -3.33
N GLN A 702 47.59 -31.42 -2.12
CA GLN A 702 48.87 -32.12 -1.94
C GLN A 702 48.67 -33.57 -1.49
N LYS A 703 47.40 -33.97 -1.40
CA LYS A 703 47.02 -35.32 -0.95
C LYS A 703 47.53 -35.62 0.47
N LYS A 704 47.25 -34.67 1.38
CA LYS A 704 47.73 -34.74 2.77
C LYS A 704 46.63 -34.41 3.78
N PHE A 705 46.57 -35.22 4.83
CA PHE A 705 45.77 -34.93 6.02
C PHE A 705 46.46 -35.53 7.27
N GLU A 706 46.81 -34.64 8.20
CA GLU A 706 47.71 -34.93 9.31
C GLU A 706 46.97 -35.46 10.55
N LYS A 707 45.83 -34.83 10.89
CA LYS A 707 45.05 -35.12 12.09
C LYS A 707 44.65 -36.60 12.19
N SER A 708 44.96 -37.19 13.34
CA SER A 708 44.70 -38.60 13.57
CA SER A 708 44.71 -38.60 13.61
C SER A 708 43.25 -38.90 13.94
N LYS A 709 42.90 -40.18 13.84
CA LYS A 709 41.61 -40.72 14.27
C LYS A 709 41.47 -40.48 15.78
N GLU A 710 42.57 -40.69 16.51
CA GLU A 710 42.64 -40.43 17.96
C GLU A 710 42.14 -39.02 18.31
N GLU A 711 42.54 -38.04 17.51
CA GLU A 711 42.13 -36.66 17.71
CA GLU A 711 42.14 -36.64 17.70
C GLU A 711 40.68 -36.43 17.28
N LEU A 712 40.31 -36.98 16.12
CA LEU A 712 38.94 -36.85 15.61
C LEU A 712 37.96 -37.48 16.59
N LYS A 713 38.37 -38.63 17.15
CA LYS A 713 37.62 -39.28 18.22
C LYS A 713 37.34 -38.29 19.35
N GLU A 714 38.38 -37.56 19.79
CA GLU A 714 38.24 -36.67 20.96
C GLU A 714 37.31 -35.48 20.69
N ILE A 715 37.41 -34.90 19.49
CA ILE A 715 36.50 -33.82 19.07
C ILE A 715 35.04 -34.28 19.08
N LEU A 716 34.78 -35.45 18.51
CA LEU A 716 33.44 -36.01 18.44
C LEU A 716 32.88 -36.26 19.83
N TYR A 717 33.71 -36.85 20.69
CA TYR A 717 33.38 -37.10 22.10
C TYR A 717 33.02 -35.80 22.84
N LYS A 718 33.81 -34.74 22.64
CA LYS A 718 33.56 -33.45 23.26
C LYS A 718 32.24 -32.83 22.82
N GLU A 719 32.10 -32.63 21.51
CA GLU A 719 30.91 -32.01 20.92
C GLU A 719 29.62 -32.80 21.22
N SER A 720 29.75 -34.09 21.48
CA SER A 720 28.60 -34.93 21.84
C SER A 720 27.94 -34.42 23.12
N ASP A 721 28.75 -33.81 23.98
CA ASP A 721 28.29 -33.29 25.25
C ASP A 721 27.52 -31.96 25.11
N PHE A 722 27.56 -31.36 23.92
CA PHE A 722 26.81 -30.12 23.65
C PHE A 722 25.43 -30.36 23.06
N TYR A 723 24.87 -31.55 23.30
CA TYR A 723 23.50 -31.83 22.88
C TYR A 723 22.51 -30.92 23.62
N SER A 724 21.35 -30.69 23.01
CA SER A 724 20.29 -29.90 23.61
C SER A 724 19.22 -30.79 24.21
N SER A 725 18.97 -30.59 25.51
CA SER A 725 17.91 -31.29 26.25
C SER A 725 16.52 -31.19 25.62
N GLU A 726 15.68 -32.19 25.92
CA GLU A 726 14.27 -32.18 25.56
C GLU A 726 13.60 -30.83 25.89
N HIS A 727 12.72 -30.39 24.99
CA HIS A 727 11.92 -29.16 25.16
C HIS A 727 12.76 -27.86 25.27
N THR A 728 13.85 -27.79 24.51
CA THR A 728 14.56 -26.53 24.35
C THR A 728 13.79 -25.73 23.30
N VAL A 729 13.71 -24.42 23.48
CA VAL A 729 13.17 -23.58 22.44
C VAL A 729 14.30 -22.78 21.80
N PHE A 730 14.27 -22.67 20.48
CA PHE A 730 15.39 -22.16 19.71
C PHE A 730 15.02 -20.89 18.99
N ILE A 731 15.88 -19.88 19.13
CA ILE A 731 15.71 -18.59 18.47
C ILE A 731 16.87 -18.31 17.51
N PRO A 732 16.58 -18.28 16.20
CA PRO A 732 17.54 -17.87 15.19
C PRO A 732 18.09 -16.49 15.50
N ARG A 733 19.40 -16.34 15.38
CA ARG A 733 20.05 -15.05 15.57
C ARG A 733 19.84 -14.11 14.38
N ALA A 734 19.65 -14.70 13.19
CA ALA A 734 19.45 -13.94 11.96
C ALA A 734 18.32 -14.50 11.10
N LEU A 735 17.35 -13.63 10.79
CA LEU A 735 16.23 -13.96 9.91
C LEU A 735 16.08 -12.91 8.82
N ARG A 736 15.58 -13.32 7.66
CA ARG A 736 15.17 -12.39 6.63
C ARG A 736 13.66 -12.16 6.68
N ARG A 737 12.91 -13.24 6.45
CA ARG A 737 11.50 -13.13 6.06
C ARG A 737 10.55 -13.98 6.88
N SER A 738 11.01 -15.15 7.34
CA SER A 738 10.18 -16.04 8.16
C SER A 738 10.24 -15.74 9.65
N ALA A 739 9.10 -15.83 10.33
CA ALA A 739 9.07 -15.78 11.78
C ALA A 739 9.45 -17.16 12.33
N ARG A 740 10.73 -17.34 12.65
CA ARG A 740 11.29 -18.64 13.03
C ARG A 740 11.56 -18.78 14.52
N ALA A 741 10.98 -19.82 15.09
CA ALA A 741 11.24 -20.27 16.44
C ALA A 741 10.80 -21.71 16.44
N PHE A 742 11.52 -22.57 17.16
CA PHE A 742 11.16 -23.98 17.18
C PHE A 742 11.47 -24.70 18.49
N ILE A 743 10.92 -25.90 18.63
CA ILE A 743 11.07 -26.72 19.84
C ILE A 743 11.44 -28.14 19.44
N ASN A 744 12.19 -28.82 20.28
CA ASN A 744 12.52 -30.21 20.05
C ASN A 744 11.88 -31.10 21.11
N GLU A 745 11.64 -32.35 20.73
CA GLU A 745 11.03 -33.32 21.62
C GLU A 745 12.09 -34.31 22.11
N GLN A 746 13.05 -34.62 21.24
CA GLN A 746 14.17 -35.49 21.57
C GLN A 746 15.50 -34.74 21.50
N LYS A 747 16.57 -35.40 21.95
CA LYS A 747 17.94 -34.92 21.84
C LYS A 747 18.29 -34.45 20.42
N VAL A 748 18.69 -33.17 20.30
CA VAL A 748 19.19 -32.59 19.06
C VAL A 748 20.50 -31.84 19.27
N PHE A 749 21.15 -31.44 18.18
CA PHE A 749 22.38 -30.66 18.24
C PHE A 749 22.21 -29.35 17.48
N CYS A 750 22.63 -28.24 18.08
CA CYS A 750 22.42 -26.91 17.49
C CYS A 750 23.73 -26.13 17.29
N SER A 751 23.92 -25.57 16.10
CA SER A 751 25.09 -24.74 15.79
C SER A 751 25.06 -23.39 16.53
N THR A 752 26.06 -22.57 16.26
CA THR A 752 26.19 -21.24 16.88
C THR A 752 25.23 -20.23 16.24
N ASN A 753 24.50 -20.67 15.23
CA ASN A 753 23.60 -19.81 14.48
C ASN A 753 22.23 -19.61 15.13
N ALA A 754 22.02 -20.24 16.29
CA ALA A 754 20.76 -20.05 17.02
C ALA A 754 20.96 -19.88 18.53
N LEU A 755 19.98 -19.23 19.15
CA LEU A 755 19.94 -19.00 20.59
C LEU A 755 19.07 -20.09 21.23
N GLU A 756 19.51 -20.62 22.36
CA GLU A 756 18.75 -21.63 23.08
C GLU A 756 18.08 -21.06 24.33
N VAL A 757 16.78 -21.31 24.47
CA VAL A 757 16.04 -21.01 25.70
C VAL A 757 15.67 -22.33 26.38
N PHE A 758 15.98 -22.41 27.68
CA PHE A 758 15.66 -23.61 28.48
C PHE A 758 15.37 -23.26 29.94
N GLY A 759 15.01 -24.28 30.73
CA GLY A 759 14.74 -24.10 32.17
C GLY A 759 13.33 -24.43 32.62
N GLY A 760 12.35 -24.17 31.77
CA GLY A 760 10.95 -24.50 32.08
C GLY A 760 10.66 -25.98 31.92
N ASN A 761 9.39 -26.35 32.11
CA ASN A 761 8.94 -27.71 31.85
C ASN A 761 8.19 -27.73 30.52
N SER A 762 7.71 -28.91 30.12
CA SER A 762 7.10 -29.11 28.82
C SER A 762 6.06 -28.04 28.45
N GLU A 763 5.10 -27.79 29.33
CA GLU A 763 3.99 -26.85 29.11
CA GLU A 763 4.03 -26.86 28.99
C GLU A 763 4.45 -25.39 29.05
N GLU A 764 5.33 -25.03 29.98
CA GLU A 764 5.91 -23.67 30.05
C GLU A 764 6.70 -23.39 28.77
N MSE A 765 7.30 -24.44 28.22
CA MSE A 765 8.17 -24.31 27.06
C MSE A 765 7.39 -24.25 25.75
O MSE A 765 7.72 -23.46 24.87
CB MSE A 765 9.19 -25.43 27.03
CG MSE A 765 10.60 -24.92 26.90
SE MSE A 765 11.09 -23.86 28.45
CE MSE A 765 12.52 -22.81 27.69
N TRP A 766 6.35 -25.08 25.63
CA TRP A 766 5.46 -25.02 24.47
C TRP A 766 4.70 -23.70 24.40
N LEU A 767 4.37 -23.14 25.57
CA LEU A 767 3.64 -21.86 25.66
C LEU A 767 4.51 -20.72 25.16
N LEU A 768 5.79 -20.75 25.56
CA LEU A 768 6.78 -19.79 25.12
C LEU A 768 6.97 -19.86 23.60
N LEU A 769 6.91 -21.06 23.04
CA LEU A 769 7.01 -21.21 21.59
C LEU A 769 5.79 -20.62 20.90
N SER A 770 4.62 -20.89 21.46
CA SER A 770 3.37 -20.30 21.00
C SER A 770 3.44 -18.76 21.00
N TRP A 771 4.03 -18.18 22.05
CA TRP A 771 4.23 -16.75 22.14
C TRP A 771 5.16 -16.23 21.04
N LEU A 772 6.32 -16.85 20.91
CA LEU A 772 7.31 -16.48 19.90
C LEU A 772 6.79 -16.59 18.48
N SER A 773 5.82 -17.46 18.27
CA SER A 773 5.21 -17.63 16.95
C SER A 773 4.11 -16.58 16.68
N SER A 774 3.77 -15.79 17.69
CA SER A 774 2.70 -14.79 17.51
C SER A 774 3.21 -13.47 16.94
N VAL A 775 2.28 -12.66 16.42
CA VAL A 775 2.59 -11.34 15.88
C VAL A 775 3.12 -10.40 16.96
N PHE A 776 2.76 -10.68 18.21
CA PHE A 776 3.11 -9.84 19.34
C PHE A 776 4.59 -9.93 19.73
N ALA A 777 5.13 -11.14 19.76
CA ALA A 777 6.56 -11.32 20.02
C ALA A 777 7.38 -10.80 18.84
N GLN A 778 6.92 -11.13 17.63
CA GLN A 778 7.61 -10.70 16.42
C GLN A 778 7.64 -9.18 16.31
N LEU A 779 6.51 -8.54 16.62
CA LEU A 779 6.42 -7.09 16.68
C LEU A 779 7.52 -6.54 17.55
N GLN A 780 7.74 -7.17 18.72
CA GLN A 780 8.79 -6.74 19.63
C GLN A 780 10.17 -6.92 19.04
N PHE A 781 10.36 -7.97 18.26
CA PHE A 781 11.66 -8.19 17.66
C PHE A 781 11.97 -7.10 16.64
N GLU A 782 11.02 -6.86 15.74
CA GLU A 782 11.17 -5.84 14.72
C GLU A 782 11.40 -4.45 15.32
N ALA A 783 10.83 -4.21 16.50
CA ALA A 783 11.03 -2.95 17.25
C ALA A 783 12.46 -2.80 17.74
N MSE A 784 13.00 -3.87 18.30
CA MSE A 784 14.42 -3.91 18.70
C MSE A 784 15.34 -3.71 17.50
O MSE A 784 16.49 -3.26 17.66
CB MSE A 784 14.76 -5.26 19.34
CG MSE A 784 13.93 -5.71 20.52
SE MSE A 784 14.46 -7.51 21.09
CE MSE A 784 13.16 -7.74 22.53
N ALA A 785 14.86 -4.07 16.31
CA ALA A 785 15.65 -4.01 15.07
C ALA A 785 15.34 -2.77 14.23
N LYS A 786 14.77 -1.75 14.89
CA LYS A 786 14.25 -0.55 14.22
C LYS A 786 15.30 0.22 13.39
N ASP A 787 16.57 0.01 13.72
CA ASP A 787 17.67 0.68 13.06
C ASP A 787 18.52 -0.28 12.20
N GLN A 788 17.89 -1.33 11.67
CA GLN A 788 18.60 -2.32 10.84
C GLN A 788 18.09 -2.36 9.41
N GLU A 789 18.93 -2.77 8.47
CA GLU A 789 18.49 -3.05 7.10
C GLU A 789 18.93 -4.44 6.69
N GLY A 790 18.13 -5.10 5.88
CA GLY A 790 18.42 -6.44 5.41
C GLY A 790 17.86 -7.49 6.35
N GLU A 791 18.73 -8.38 6.81
CA GLU A 791 18.34 -9.39 7.77
C GLU A 791 18.18 -8.77 9.15
N ARG A 792 17.35 -9.38 9.98
CA ARG A 792 17.16 -8.97 11.37
C ARG A 792 18.12 -9.80 12.20
N LYS A 793 19.14 -9.16 12.75
CA LYS A 793 20.14 -9.86 13.56
C LYS A 793 20.03 -9.45 15.02
N LEU A 794 19.54 -10.35 15.86
CA LEU A 794 19.37 -10.07 17.28
C LEU A 794 20.05 -11.16 18.13
N GLU A 795 20.86 -10.71 19.08
CA GLU A 795 21.64 -11.61 19.91
C GLU A 795 21.08 -11.65 21.33
N LYS A 796 21.79 -12.35 22.22
CA LYS A 796 21.35 -12.47 23.62
C LYS A 796 21.07 -11.09 24.20
N LYS A 797 22.05 -10.19 24.09
CA LYS A 797 21.91 -8.77 24.50
C LYS A 797 20.50 -8.16 24.34
N SER A 798 19.90 -8.28 23.14
CA SER A 798 18.58 -7.68 22.86
C SER A 798 17.39 -8.56 23.25
N ILE A 799 17.55 -9.88 23.10
CA ILE A 799 16.46 -10.84 23.32
C ILE A 799 16.18 -11.06 24.81
N GLN A 800 17.21 -10.89 25.65
CA GLN A 800 17.04 -10.85 27.10
C GLN A 800 15.84 -10.00 27.51
N ASN A 801 15.58 -8.96 26.72
CA ASN A 801 14.61 -7.91 27.06
C ASN A 801 13.22 -8.12 26.48
N LEU A 802 13.02 -9.22 25.76
CA LEU A 802 11.69 -9.53 25.23
C LEU A 802 10.71 -9.67 26.37
N TYR A 803 9.48 -9.19 26.16
CA TYR A 803 8.43 -9.36 27.15
C TYR A 803 7.68 -10.66 26.88
N ILE A 804 7.71 -11.56 27.86
CA ILE A 804 6.94 -12.81 27.80
C ILE A 804 5.78 -12.78 28.82
N PRO A 805 4.58 -13.29 28.40
CA PRO A 805 3.37 -13.25 29.22
C PRO A 805 3.55 -13.92 30.58
N ASN A 806 2.99 -13.30 31.62
CA ASN A 806 2.96 -13.87 32.97
C ASN A 806 2.29 -15.23 32.92
N LEU A 807 3.05 -16.25 33.30
CA LEU A 807 2.57 -17.63 33.35
C LEU A 807 1.20 -17.69 34.06
N GLY A 808 1.15 -17.18 35.30
CA GLY A 808 -0.08 -17.12 36.09
C GLY A 808 -1.04 -16.02 35.65
N ASP A 809 -1.37 -16.00 34.36
CA ASP A 809 -2.32 -15.03 33.78
C ASP A 809 -3.20 -15.64 32.69
N ILE A 810 -2.87 -16.87 32.29
CA ILE A 810 -3.63 -17.57 31.25
C ILE A 810 -4.42 -18.70 31.90
N ASP A 811 -5.72 -18.79 31.58
N ASP A 811 -5.72 -18.79 31.60
CA ASP A 811 -6.59 -19.84 32.12
CA ASP A 811 -6.57 -19.84 32.16
C ASP A 811 -6.27 -21.19 31.49
C ASP A 811 -6.22 -21.18 31.52
N ASP A 812 -6.39 -22.25 32.29
CA ASP A 812 -5.95 -23.61 31.89
C ASP A 812 -6.55 -24.18 30.60
N VAL A 813 -7.78 -23.80 30.28
CA VAL A 813 -8.41 -24.17 29.00
C VAL A 813 -7.65 -23.51 27.86
N LEU A 814 -7.43 -22.20 28.01
CA LEU A 814 -6.76 -21.40 27.00
C LEU A 814 -5.33 -21.88 26.79
N LYS A 815 -4.62 -22.13 27.89
CA LYS A 815 -3.28 -22.70 27.83
C LYS A 815 -3.26 -23.91 26.92
N GLN A 816 -4.27 -24.77 27.08
CA GLN A 816 -4.40 -25.96 26.24
C GLN A 816 -4.74 -25.61 24.79
N ASP A 817 -5.49 -24.54 24.58
CA ASP A 817 -5.77 -24.08 23.23
C ASP A 817 -4.52 -23.49 22.56
N LEU A 818 -3.66 -22.88 23.38
CA LEU A 818 -2.48 -22.16 22.89
C LEU A 818 -1.38 -23.09 22.41
N ILE A 819 -1.11 -24.12 23.22
CA ILE A 819 -0.17 -25.18 22.87
C ILE A 819 -0.65 -25.94 21.63
N GLU A 820 -1.91 -26.37 21.68
CA GLU A 820 -2.56 -27.11 20.58
C GLU A 820 -2.34 -26.39 19.24
N GLU A 821 -2.59 -25.09 19.23
CA GLU A 821 -2.52 -24.27 18.03
C GLU A 821 -1.13 -24.24 17.36
N VAL A 822 -0.08 -24.32 18.17
CA VAL A 822 1.29 -24.48 17.69
C VAL A 822 1.41 -25.66 16.75
N ARG A 823 0.67 -26.73 17.03
CA ARG A 823 0.76 -27.99 16.27
C ARG A 823 0.23 -27.85 14.84
N GLU A 824 -0.42 -26.73 14.54
CA GLU A 824 -1.05 -26.53 13.24
C GLU A 824 -0.68 -25.18 12.59
N ILE A 825 0.60 -24.81 12.69
CA ILE A 825 1.12 -23.63 11.97
C ILE A 825 2.48 -23.94 11.38
N HIS A 826 2.85 -23.16 10.38
CA HIS A 826 4.24 -23.10 9.93
C HIS A 826 4.73 -21.72 10.33
N PHE A 827 5.78 -21.22 9.67
CA PHE A 827 6.32 -19.93 10.02
C PHE A 827 5.68 -18.86 9.17
N PHE A 828 4.98 -17.94 9.83
CA PHE A 828 4.27 -16.91 9.07
C PHE A 828 5.22 -15.95 8.36
N ASP A 829 4.76 -15.42 7.23
CA ASP A 829 5.55 -14.52 6.41
C ASP A 829 5.53 -13.13 7.04
N LEU A 830 6.67 -12.69 7.58
CA LEU A 830 6.80 -11.37 8.23
C LEU A 830 6.47 -10.17 7.32
N CYS A 831 6.72 -10.30 6.02
CA CYS A 831 6.40 -9.25 5.06
C CYS A 831 4.90 -9.11 4.81
N ARG A 832 4.14 -10.17 5.09
CA ARG A 832 2.71 -10.18 4.88
C ARG A 832 2.00 -10.88 6.05
N PRO A 833 2.09 -10.31 7.27
CA PRO A 833 1.40 -11.00 8.36
C PRO A 833 -0.11 -11.01 8.16
N ARG A 834 -0.73 -12.06 8.68
CA ARG A 834 -2.18 -12.23 8.66
CA ARG A 834 -2.18 -12.21 8.67
C ARG A 834 -2.62 -12.59 10.07
N VAL A 835 -3.75 -12.03 10.49
CA VAL A 835 -4.31 -12.35 11.81
C VAL A 835 -4.87 -13.77 11.74
N ARG A 836 -4.55 -14.59 12.73
CA ARG A 836 -5.02 -15.97 12.75
C ARG A 836 -5.40 -16.45 14.16
N LYS A 837 -5.95 -17.67 14.26
CA LYS A 837 -6.51 -18.14 15.53
C LYS A 837 -5.51 -18.01 16.66
N LEU A 838 -4.24 -18.29 16.36
CA LEU A 838 -3.15 -18.27 17.35
C LEU A 838 -2.99 -16.90 18.00
N ASP A 839 -3.07 -15.86 17.17
CA ASP A 839 -2.96 -14.48 17.61
C ASP A 839 -4.20 -14.05 18.39
N LEU A 840 -5.38 -14.39 17.86
CA LEU A 840 -6.65 -14.12 18.55
C LEU A 840 -6.69 -14.83 19.89
N LEU A 841 -6.21 -16.08 19.91
CA LEU A 841 -6.10 -16.84 21.15
C LEU A 841 -5.28 -16.05 22.17
N TRP A 842 -4.08 -15.62 21.78
CA TRP A 842 -3.19 -14.89 22.69
C TRP A 842 -3.77 -13.53 23.09
N ALA A 843 -4.56 -12.95 22.20
CA ALA A 843 -5.22 -11.67 22.44
C ALA A 843 -6.17 -11.70 23.63
N LYS A 844 -6.74 -12.88 23.91
CA LYS A 844 -7.62 -13.06 25.07
C LYS A 844 -6.91 -12.78 26.38
N VAL A 845 -5.58 -12.83 26.36
CA VAL A 845 -4.82 -12.69 27.60
C VAL A 845 -4.64 -11.21 27.95
N PHE A 846 -4.66 -10.37 26.92
CA PHE A 846 -4.33 -8.96 27.10
C PHE A 846 -5.53 -8.03 27.05
N TRP A 847 -6.58 -8.41 26.30
CA TRP A 847 -7.71 -7.52 26.07
C TRP A 847 -9.11 -8.16 26.12
N SER A 848 -10.04 -7.38 26.69
CA SER A 848 -11.47 -7.66 26.67
C SER A 848 -12.10 -6.81 25.55
N GLY A 849 -11.42 -5.72 25.19
CA GLY A 849 -11.83 -4.88 24.06
C GLY A 849 -10.66 -4.16 23.38
N ASN A 850 -10.44 -4.44 22.11
CA ASN A 850 -11.20 -5.47 21.38
C ASN A 850 -10.24 -6.49 20.77
N GLU A 851 -10.45 -7.79 21.03
CA GLU A 851 -9.51 -8.84 20.56
C GLU A 851 -9.04 -8.55 19.14
N MSE A 852 -9.99 -8.54 18.21
CA MSE A 852 -9.73 -8.46 16.78
C MSE A 852 -8.94 -7.22 16.44
O MSE A 852 -7.88 -7.29 15.82
CB MSE A 852 -11.04 -8.47 15.99
CG MSE A 852 -11.06 -9.41 14.82
SE MSE A 852 -9.36 -9.53 13.85
CE MSE A 852 -9.65 -11.34 13.19
N SER A 853 -9.47 -6.06 16.86
CA SER A 853 -8.94 -4.78 16.46
C SER A 853 -7.54 -4.47 17.01
N LYS A 854 -7.22 -4.99 18.18
CA LYS A 854 -5.86 -4.81 18.71
C LYS A 854 -4.85 -5.77 18.06
N THR A 855 -5.33 -6.98 17.74
CA THR A 855 -4.56 -7.95 17.01
C THR A 855 -4.33 -7.48 15.57
N LYS A 856 -5.33 -6.80 15.01
CA LYS A 856 -5.23 -6.27 13.66
C LYS A 856 -4.22 -5.11 13.59
N GLU A 857 -4.05 -4.39 14.70
CA GLU A 857 -3.11 -3.26 14.82
C GLU A 857 -1.68 -3.74 14.85
N ALA A 858 -1.38 -4.64 15.79
CA ALA A 858 -0.09 -5.32 15.86
C ALA A 858 0.36 -5.82 14.48
N ALA A 859 -0.53 -6.50 13.77
CA ALA A 859 -0.25 -7.03 12.44
C ALA A 859 0.15 -5.94 11.42
N GLU A 860 -0.56 -4.82 11.47
CA GLU A 860 -0.29 -3.69 10.59
C GLU A 860 1.04 -2.99 10.93
N LEU A 861 1.29 -2.79 12.23
CA LEU A 861 2.54 -2.20 12.68
C LEU A 861 3.74 -3.10 12.30
N LEU A 862 3.58 -4.41 12.48
CA LEU A 862 4.60 -5.37 12.11
C LEU A 862 4.88 -5.27 10.62
N GLU A 863 3.84 -5.40 9.80
CA GLU A 863 3.99 -5.26 8.36
C GLU A 863 4.78 -4.00 7.94
N ASP A 864 4.46 -2.86 8.56
CA ASP A 864 5.12 -1.60 8.20
C ASP A 864 6.60 -1.56 8.59
N LEU A 865 6.90 -2.09 9.76
CA LEU A 865 8.29 -2.20 10.23
C LEU A 865 9.09 -3.16 9.35
N VAL A 866 8.47 -4.26 8.94
CA VAL A 866 9.18 -5.23 8.11
C VAL A 866 9.45 -4.65 6.72
N PHE A 867 8.48 -3.92 6.18
CA PHE A 867 8.66 -3.25 4.90
C PHE A 867 9.83 -2.28 4.94
N GLU A 868 10.09 -1.68 6.09
CA GLU A 868 11.24 -0.79 6.21
C GLU A 868 12.55 -1.55 6.15
N ARG A 869 12.63 -2.63 6.91
CA ARG A 869 13.86 -3.42 7.03
C ARG A 869 14.13 -4.20 5.76
N TYR A 870 13.10 -4.86 5.25
CA TYR A 870 13.24 -5.78 4.13
C TYR A 870 12.08 -5.65 3.11
N PRO A 871 12.12 -4.63 2.23
CA PRO A 871 11.10 -4.47 1.18
C PRO A 871 10.86 -5.71 0.29
N GLU A 872 11.93 -6.29 -0.27
CA GLU A 872 11.80 -7.31 -1.34
C GLU A 872 10.79 -8.42 -1.09
N GLY A 873 10.38 -8.61 0.15
CA GLY A 873 9.41 -9.67 0.46
C GLY A 873 8.02 -9.31 0.01
N SER A 874 7.80 -8.03 -0.27
CA SER A 874 6.47 -7.57 -0.70
C SER A 874 6.29 -7.44 -2.22
N GLN A 875 7.40 -7.35 -2.96
CA GLN A 875 7.35 -7.27 -4.42
C GLN A 875 6.96 -8.61 -5.05
N SAH B . -4.23 8.65 -13.33
CA SAH B . -3.01 9.07 -12.65
CB SAH B . -1.89 9.08 -13.68
CG SAH B . -1.00 7.85 -13.65
SD SAH B . 0.61 8.54 -13.73
C SAH B . -3.09 10.45 -12.02
O SAH B . -2.06 11.01 -11.65
OXT SAH B . -4.14 11.06 -11.86
C5' SAH B . 1.41 7.50 -14.90
C4' SAH B . 1.33 8.19 -16.26
O4' SAH B . 2.63 8.41 -16.80
C3' SAH B . 0.59 7.37 -17.30
O3' SAH B . -0.58 8.09 -17.65
C2' SAH B . 1.55 7.29 -18.48
O2' SAH B . 0.91 7.43 -19.76
C1' SAH B . 2.47 8.47 -18.22
N9 SAH B . 3.75 8.28 -18.91
C8 SAH B . 4.32 7.05 -18.97
N7 SAH B . 5.50 7.08 -19.63
C5 SAH B . 5.70 8.35 -19.98
C6 SAH B . 6.77 9.02 -20.72
N6 SAH B . 7.77 8.20 -21.10
N1 SAH B . 6.69 10.37 -20.95
C2 SAH B . 5.61 11.08 -20.49
N3 SAH B . 4.57 10.52 -19.81
C4 SAH B . 4.55 9.17 -19.52
C1 EDO C . -1.13 3.11 21.43
O1 EDO C . 0.07 3.26 22.20
C2 EDO C . -1.83 1.83 21.84
O2 EDO C . -2.68 2.05 22.97
C1 EDO D . -33.10 19.25 -33.97
O1 EDO D . -33.09 19.39 -32.52
C2 EDO D . -33.33 17.81 -34.42
O2 EDO D . -34.72 17.57 -34.74
C1 EDO E . -9.20 36.48 -19.00
O1 EDO E . -10.32 35.91 -19.68
C2 EDO E . -9.43 36.44 -17.49
O2 EDO E . -8.19 36.68 -16.79
C1 EDO F . -19.33 29.94 -22.03
O1 EDO F . -19.88 31.12 -21.43
C2 EDO F . -17.93 29.72 -21.50
O2 EDO F . -17.14 30.88 -21.82
C1 EDO G . -10.60 16.61 -8.27
O1 EDO G . -10.96 18.01 -8.28
C2 EDO G . -10.75 16.08 -9.70
O2 EDO G . -10.25 14.75 -9.89
C1 EDO H . -19.30 21.78 -42.59
O1 EDO H . -20.19 22.69 -41.95
C2 EDO H . -19.39 20.45 -41.84
O2 EDO H . -19.29 19.35 -42.75
C1 EDO I . 50.39 -37.80 2.98
O1 EDO I . 51.39 -38.51 3.71
C2 EDO I . 49.03 -38.13 3.57
O2 EDO I . 48.23 -38.77 2.57
C1 EDO J . -30.69 12.70 -9.95
O1 EDO J . -31.12 12.42 -8.62
C2 EDO J . -31.76 13.53 -10.66
O2 EDO J . -31.16 14.75 -11.08
C1 EDO K . -28.80 15.17 -29.24
O1 EDO K . -27.65 16.00 -29.09
C2 EDO K . -29.52 14.93 -27.93
O2 EDO K . -30.67 15.76 -27.90
C1 EDO L . 12.04 31.83 -6.09
O1 EDO L . 11.48 32.63 -5.04
C2 EDO L . 11.16 31.87 -7.33
O2 EDO L . 10.45 30.64 -7.47
C1 EDO M . -7.17 0.08 -9.98
O1 EDO M . -5.98 -0.01 -9.19
C2 EDO M . -7.22 1.48 -10.58
O2 EDO M . -8.58 1.75 -10.95
C1 EDO N . -7.60 22.61 -24.88
O1 EDO N . -6.23 22.18 -25.00
C2 EDO N . -8.10 22.33 -23.47
O2 EDO N . -8.18 23.56 -22.74
C1 EDO O . 32.37 3.50 -15.81
O1 EDO O . 33.53 2.64 -15.81
C2 EDO O . 31.15 2.74 -16.34
O2 EDO O . 30.95 3.00 -17.73
C1 EDO P . -19.22 3.12 16.29
O1 EDO P . -18.01 3.09 15.52
C2 EDO P . -19.91 4.47 16.09
O2 EDO P . -20.92 4.37 15.07
C1 EDO Q . 23.69 21.40 -6.59
O1 EDO Q . 23.85 20.21 -5.77
C2 EDO Q . 22.49 22.17 -6.05
O2 EDO Q . 22.19 23.25 -6.94
C1 EDO R . -12.46 19.24 -4.15
O1 EDO R . -13.71 19.75 -4.61
C2 EDO R . -11.84 18.34 -5.21
O2 EDO R . -11.00 17.40 -4.55
C1 EDO S . 26.31 0.31 -9.61
O1 EDO S . 25.76 -1.01 -9.73
C2 EDO S . 27.09 0.64 -10.88
O2 EDO S . 26.28 0.33 -12.03
C1 EDO T . 35.00 -25.48 9.93
O1 EDO T . 35.71 -26.71 10.18
C2 EDO T . 35.68 -24.72 8.80
O2 EDO T . 34.82 -24.70 7.64
C1 EDO U . -11.14 23.36 -36.23
O1 EDO U . -11.23 23.72 -34.84
C2 EDO U . -12.29 23.94 -37.03
O2 EDO U . -12.93 25.02 -36.31
C1 EDO V . -9.32 -10.75 9.53
O1 EDO V . -9.09 -9.62 10.38
C2 EDO V . -10.64 -11.46 9.89
O2 EDO V . -11.54 -10.56 10.59
MN MN W . -14.99 6.11 3.53
I IOD X . 12.25 -3.82 -3.41
I IOD Y . 32.75 -31.22 -0.91
I IOD Z . -30.36 -5.21 -16.67
I IOD AA . -29.30 25.38 7.02
I IOD BA . -5.71 -9.68 8.34
I IOD CA . -9.81 26.60 4.68
I IOD DA . -21.27 -11.84 12.36
I IOD EA . 18.91 -14.05 30.21
I IOD FA . 24.83 11.34 11.35
I IOD GA . -3.57 -2.28 -4.12
I IOD HA . -5.65 22.56 -30.52
I IOD IA . 17.11 -35.35 26.19
I IOD JA . 44.11 -51.35 20.06
I IOD KA . 14.31 -16.62 5.87
I IOD LA . 15.87 25.99 -24.23
I IOD MA . 1.21 -19.70 9.63
I IOD NA . -14.77 28.64 -10.85
I IOD OA . 23.21 -15.39 20.73
I IOD PA . 18.71 -40.83 10.11
I IOD QA . 19.19 12.47 -26.68
I IOD RA . 24.15 6.21 -19.45
I IOD SA . 22.05 -19.16 9.57
I IOD TA . 21.86 -8.10 5.17
I IOD UA . 38.76 -31.83 10.07
I IOD VA . 10.18 0.76 -18.18
I IOD WA . -24.42 8.15 -19.85
I IOD XA . -22.00 30.33 -26.30
I IOD YA . -6.24 3.70 4.63
I IOD ZA . -19.10 -12.24 -5.08
I IOD AB . -8.71 23.33 13.69
I IOD BB . -28.47 4.75 -24.64
I IOD CB . -27.82 22.50 -22.36
I IOD DB . 21.88 -7.61 19.28
I IOD EB . -34.30 8.80 -5.02
I IOD FB . -11.83 16.87 -40.67
I IOD GB . -23.65 19.03 13.57
I IOD HB . -3.00 10.08 -8.51
I IOD IB . -15.42 17.77 -6.39
#